data_3BRE
#
_entry.id   3BRE
#
_cell.length_a   144.510
_cell.length_b   72.748
_cell.length_c   106.095
_cell.angle_alpha   90.000
_cell.angle_beta   110.790
_cell.angle_gamma   90.000
#
_symmetry.space_group_name_H-M   'C 1 2 1'
#
loop_
_entity.id
_entity.type
_entity.pdbx_description
1 polymer 'Probable two-component response regulator'
2 non-polymer 'MAGNESIUM ION'
3 non-polymer "9,9'-[(2R,3R,3aS,5S,7aR,9R,10R,10aS,12S,14aR)-3,5,10,12-tetrahydroxy-5,12-dioxidooctahydro-2H,7H-difuro[3,2-d:3',2'-j][1,3,7,9,2,8]tetraoxadiphosphacyclododecine-2,9-diyl]bis(2-amino-1,9-dihydro-6H-purin-6-one)"
#
_entity_poly.entity_id   1
_entity_poly.type   'polypeptide(L)'
_entity_poly.pdbx_seq_one_letter_code
;MHNPHESKTDLGAPLDGAVMVLLVDDQAMIGEAVRRSLASEAGIDFHFCSDPQQAVAVANQIKPTVILQDLVMPGVDGLT
LLAAYRGNPATRDIPIIVLSTKEEPTVKSAAFAAGANDYLVKLPDAIELVARIRYHSRSYIALQQRDEAYRALRESQQQL
LETNLVLQRLMNSDGLTGLSNRRHFDEYLEMEWRRSLREQSQLSLLMIDVDYFKSYNDTFGHVAGDEALRQVAGAIREGC
SRSSDLAARYGGEEFAMVLPGTSPGGARLLAEKVRRTVESLQISHDQPRPGSHLTVSIGVSTLVPGGGGQTFRVLIEMAD
QALYQAKNNGRNQVGLMEQPVPPAPAGAAALEHHHHHH
;
_entity_poly.pdbx_strand_id   A,B
#
# COMPACT_ATOMS: atom_id res chain seq x y z
N ALA A 18 -9.64 16.96 22.39
CA ALA A 18 -9.82 15.50 22.11
C ALA A 18 -10.68 14.82 23.18
N VAL A 19 -10.66 15.37 24.40
CA VAL A 19 -11.41 14.81 25.50
C VAL A 19 -12.87 15.25 25.57
N MET A 20 -13.73 14.36 26.03
CA MET A 20 -15.16 14.60 26.19
C MET A 20 -15.63 13.89 27.47
N VAL A 21 -15.73 14.64 28.55
CA VAL A 21 -16.16 14.07 29.82
C VAL A 21 -17.68 13.98 30.01
N LEU A 22 -18.15 12.80 30.35
CA LEU A 22 -19.56 12.56 30.59
C LEU A 22 -19.69 12.20 32.07
N LEU A 23 -20.28 13.11 32.84
CA LEU A 23 -20.46 12.88 34.26
C LEU A 23 -21.90 12.47 34.50
N VAL A 24 -22.08 11.47 35.36
CA VAL A 24 -23.39 10.97 35.73
C VAL A 24 -23.51 11.01 37.26
N ASP A 25 -24.44 11.83 37.73
CA ASP A 25 -24.63 11.99 39.17
C ASP A 25 -25.98 12.68 39.45
N ASP A 26 -26.69 12.24 40.48
CA ASP A 26 -27.98 12.84 40.81
C ASP A 26 -27.87 14.20 41.51
N GLN A 27 -26.71 14.48 42.11
CA GLN A 27 -26.46 15.74 42.81
C GLN A 27 -26.18 16.87 41.82
N ALA A 28 -27.07 17.86 41.76
CA ALA A 28 -26.88 18.96 40.84
C ALA A 28 -25.67 19.83 41.23
N MET A 29 -25.19 19.68 42.46
CA MET A 29 -24.05 20.49 42.91
C MET A 29 -22.72 19.87 42.52
N ILE A 30 -22.60 18.55 42.69
CA ILE A 30 -21.38 17.83 42.34
C ILE A 30 -21.15 18.05 40.86
N GLY A 31 -22.24 18.01 40.10
CA GLY A 31 -22.14 18.21 38.66
C GLY A 31 -21.58 19.58 38.36
N GLU A 32 -21.72 20.50 39.32
CA GLU A 32 -21.21 21.86 39.15
C GLU A 32 -19.76 22.00 39.60
N ALA A 33 -19.39 21.31 40.67
CA ALA A 33 -18.01 21.39 41.14
C ALA A 33 -17.06 20.83 40.09
N VAL A 34 -17.59 19.97 39.22
CA VAL A 34 -16.80 19.39 38.13
C VAL A 34 -16.79 20.35 36.96
N ARG A 35 -17.98 20.83 36.57
CA ARG A 35 -18.11 21.77 35.47
C ARG A 35 -17.22 22.99 35.70
N ARG A 36 -17.13 23.40 36.97
CA ARG A 36 -16.31 24.55 37.33
C ARG A 36 -14.91 24.09 37.79
N SER A 37 -14.18 23.46 36.87
CA SER A 37 -12.82 22.98 37.09
C SER A 37 -12.35 22.46 35.74
N LEU A 38 -13.32 22.16 34.88
CA LEU A 38 -13.05 21.70 33.53
C LEU A 38 -13.35 22.90 32.64
N ALA A 39 -13.68 24.02 33.28
CA ALA A 39 -13.99 25.25 32.57
C ALA A 39 -12.71 25.89 32.03
N SER A 40 -11.81 26.26 32.94
CA SER A 40 -10.54 26.87 32.58
C SER A 40 -9.61 25.84 31.93
N GLU A 41 -10.20 24.76 31.43
CA GLU A 41 -9.44 23.70 30.77
C GLU A 41 -9.94 23.49 29.35
N ALA A 42 -9.16 23.94 28.38
CA ALA A 42 -9.53 23.82 26.97
C ALA A 42 -9.15 22.46 26.41
N GLY A 43 -9.84 22.06 25.35
CA GLY A 43 -9.58 20.78 24.72
C GLY A 43 -10.37 19.66 25.35
N ILE A 44 -11.08 19.97 26.43
CA ILE A 44 -11.87 18.98 27.14
C ILE A 44 -13.33 19.41 27.32
N ASP A 45 -14.22 18.81 26.53
CA ASP A 45 -15.64 19.11 26.60
C ASP A 45 -16.21 18.47 27.84
N PHE A 46 -17.27 19.08 28.36
CA PHE A 46 -17.92 18.55 29.55
C PHE A 46 -19.38 18.31 29.24
N HIS A 47 -20.01 17.44 30.02
CA HIS A 47 -21.43 17.12 29.84
C HIS A 47 -21.96 16.59 31.16
N PHE A 48 -23.10 17.09 31.60
CA PHE A 48 -23.68 16.66 32.87
C PHE A 48 -25.06 16.01 32.70
N CYS A 49 -25.23 14.86 33.34
CA CYS A 49 -26.48 14.11 33.28
C CYS A 49 -26.96 13.88 34.72
N SER A 50 -28.20 14.28 34.98
CA SER A 50 -28.82 14.15 36.31
C SER A 50 -29.74 12.94 36.40
N ASP A 51 -30.30 12.53 35.26
CA ASP A 51 -31.23 11.39 35.24
C ASP A 51 -30.57 10.14 34.69
N PRO A 52 -30.29 9.18 35.57
CA PRO A 52 -29.65 7.89 35.24
C PRO A 52 -30.40 7.10 34.16
N GLN A 53 -31.70 7.35 34.03
CA GLN A 53 -32.51 6.65 33.05
C GLN A 53 -32.13 7.01 31.62
N GLN A 54 -31.39 8.11 31.46
CA GLN A 54 -30.97 8.58 30.16
C GLN A 54 -29.46 8.43 29.97
N ALA A 55 -28.76 8.16 31.07
CA ALA A 55 -27.31 8.01 31.05
C ALA A 55 -26.81 7.15 29.90
N VAL A 56 -27.31 5.93 29.80
CA VAL A 56 -26.90 5.03 28.74
C VAL A 56 -27.16 5.68 27.39
N ALA A 57 -28.30 6.36 27.27
CA ALA A 57 -28.68 7.04 26.05
C ALA A 57 -27.69 8.15 25.74
N VAL A 58 -27.49 9.04 26.71
CA VAL A 58 -26.56 10.15 26.56
C VAL A 58 -25.20 9.65 26.11
N ALA A 59 -24.81 8.48 26.62
CA ALA A 59 -23.53 7.87 26.30
C ALA A 59 -23.41 7.40 24.84
N ASN A 60 -24.52 6.96 24.25
CA ASN A 60 -24.50 6.48 22.86
C ASN A 60 -24.64 7.61 21.86
N GLN A 61 -24.63 8.85 22.36
CA GLN A 61 -24.75 10.05 21.53
C GLN A 61 -23.47 10.89 21.51
N ILE A 62 -23.18 11.56 22.62
CA ILE A 62 -22.02 12.43 22.72
C ILE A 62 -20.66 11.74 22.61
N LYS A 63 -20.67 10.42 22.75
CA LYS A 63 -19.44 9.62 22.65
C LYS A 63 -18.29 10.16 23.46
N PRO A 64 -18.35 9.99 24.79
CA PRO A 64 -17.30 10.47 25.70
C PRO A 64 -15.99 9.67 25.61
N THR A 65 -14.91 10.25 26.13
CA THR A 65 -13.63 9.58 26.13
C THR A 65 -13.38 9.06 27.53
N VAL A 66 -14.27 9.46 28.45
CA VAL A 66 -14.23 9.05 29.84
C VAL A 66 -15.61 9.29 30.46
N ILE A 67 -16.00 8.42 31.38
CA ILE A 67 -17.29 8.57 32.04
C ILE A 67 -17.07 8.52 33.55
N LEU A 68 -17.52 9.57 34.23
CA LEU A 68 -17.43 9.67 35.69
C LEU A 68 -18.80 9.19 36.14
N GLN A 69 -18.87 8.01 36.74
CA GLN A 69 -20.18 7.45 37.14
C GLN A 69 -20.32 7.34 38.65
N ASP A 70 -21.38 7.98 39.15
CA ASP A 70 -21.73 8.03 40.56
C ASP A 70 -22.24 6.64 40.96
N LEU A 71 -21.67 6.07 42.02
CA LEU A 71 -22.03 4.74 42.50
C LEU A 71 -23.43 4.62 43.08
N VAL A 72 -23.84 5.61 43.87
CA VAL A 72 -25.16 5.58 44.50
C VAL A 72 -26.10 6.69 44.05
N MET A 73 -27.13 6.29 43.32
CA MET A 73 -28.13 7.21 42.84
C MET A 73 -29.50 6.62 43.15
N PRO A 74 -30.56 7.42 43.04
CA PRO A 74 -31.92 6.90 43.33
C PRO A 74 -32.46 6.08 42.16
N GLY A 75 -32.87 4.86 42.44
CA GLY A 75 -33.44 4.00 41.41
C GLY A 75 -32.47 3.05 40.71
N VAL A 76 -31.20 3.44 40.62
CA VAL A 76 -30.19 2.61 39.97
C VAL A 76 -28.84 2.83 40.62
N ASP A 77 -28.07 1.76 40.75
CA ASP A 77 -26.74 1.89 41.32
C ASP A 77 -25.78 2.02 40.15
N GLY A 78 -24.66 2.68 40.40
CA GLY A 78 -23.67 2.88 39.37
C GLY A 78 -23.08 1.64 38.73
N LEU A 79 -23.19 0.50 39.40
CA LEU A 79 -22.62 -0.70 38.81
C LEU A 79 -23.55 -1.37 37.81
N THR A 80 -24.86 -1.09 37.86
CA THR A 80 -25.73 -1.69 36.86
C THR A 80 -25.64 -0.83 35.61
N LEU A 81 -25.19 0.43 35.76
CA LEU A 81 -25.01 1.32 34.62
C LEU A 81 -23.67 0.93 34.00
N LEU A 82 -22.73 0.51 34.84
CA LEU A 82 -21.42 0.07 34.34
C LEU A 82 -21.62 -1.15 33.44
N ALA A 83 -22.61 -1.98 33.76
CA ALA A 83 -22.91 -3.17 32.99
C ALA A 83 -23.61 -2.79 31.68
N ALA A 84 -24.27 -1.64 31.70
CA ALA A 84 -24.95 -1.15 30.50
C ALA A 84 -23.92 -0.59 29.52
N TYR A 85 -23.01 0.25 30.02
CA TYR A 85 -21.96 0.83 29.17
C TYR A 85 -21.14 -0.29 28.54
N ARG A 86 -20.96 -1.38 29.28
CA ARG A 86 -20.18 -2.49 28.77
C ARG A 86 -21.01 -3.45 27.92
N GLY A 87 -22.27 -3.12 27.69
CA GLY A 87 -23.15 -3.99 26.90
C GLY A 87 -23.13 -3.77 25.39
N ASN A 88 -22.88 -2.54 24.95
CA ASN A 88 -22.85 -2.20 23.54
C ASN A 88 -21.45 -1.76 23.11
N PRO A 89 -21.04 -2.10 21.88
CA PRO A 89 -19.71 -1.74 21.34
C PRO A 89 -19.50 -0.25 21.33
N ALA A 90 -20.59 0.48 21.14
CA ALA A 90 -20.57 1.93 21.11
C ALA A 90 -19.87 2.52 22.32
N THR A 91 -20.00 1.86 23.47
CA THR A 91 -19.41 2.38 24.69
C THR A 91 -18.68 1.35 25.54
N ARG A 92 -18.68 0.10 25.10
CA ARG A 92 -18.04 -0.96 25.87
C ARG A 92 -16.56 -0.76 26.14
N ASP A 93 -15.93 0.16 25.40
CA ASP A 93 -14.51 0.43 25.57
C ASP A 93 -14.20 1.73 26.29
N ILE A 94 -15.21 2.56 26.50
CA ILE A 94 -15.00 3.83 27.18
C ILE A 94 -14.62 3.57 28.65
N PRO A 95 -13.49 4.12 29.09
CA PRO A 95 -13.02 3.95 30.46
C PRO A 95 -13.90 4.71 31.46
N ILE A 96 -14.22 4.08 32.57
CA ILE A 96 -15.05 4.74 33.55
C ILE A 96 -14.47 4.87 34.95
N ILE A 97 -14.69 6.06 35.51
CA ILE A 97 -14.25 6.41 36.85
C ILE A 97 -15.48 6.47 37.76
N VAL A 98 -15.61 5.48 38.66
CA VAL A 98 -16.75 5.48 39.57
C VAL A 98 -16.47 6.47 40.69
N LEU A 99 -17.48 7.26 41.03
CA LEU A 99 -17.35 8.27 42.09
C LEU A 99 -18.16 7.83 43.30
N SER A 100 -17.52 7.73 44.46
CA SER A 100 -18.25 7.32 45.66
C SER A 100 -18.30 8.46 46.65
N THR A 101 -19.18 8.31 47.64
CA THR A 101 -19.37 9.29 48.69
C THR A 101 -18.68 8.74 49.94
N LYS A 102 -19.25 7.69 50.49
CA LYS A 102 -18.69 7.05 51.66
C LYS A 102 -17.69 6.02 51.13
N GLU A 103 -16.40 6.29 51.29
CA GLU A 103 -15.37 5.38 50.81
C GLU A 103 -15.39 4.02 51.56
N GLU A 104 -16.08 3.05 50.98
CA GLU A 104 -16.20 1.71 51.54
C GLU A 104 -15.33 0.74 50.73
N PRO A 105 -14.11 0.43 51.21
CA PRO A 105 -13.21 -0.49 50.50
C PRO A 105 -13.76 -1.88 50.14
N THR A 106 -15.04 -2.12 50.40
CA THR A 106 -15.65 -3.41 50.06
C THR A 106 -16.34 -3.23 48.72
N VAL A 107 -16.96 -2.07 48.56
CA VAL A 107 -17.66 -1.71 47.32
C VAL A 107 -16.57 -1.33 46.31
N LYS A 108 -15.55 -0.64 46.81
CA LYS A 108 -14.42 -0.22 45.99
C LYS A 108 -13.87 -1.46 45.29
N SER A 109 -13.52 -2.46 46.08
CA SER A 109 -13.00 -3.71 45.57
C SER A 109 -13.94 -4.31 44.53
N ALA A 110 -15.25 -4.22 44.78
CA ALA A 110 -16.27 -4.76 43.88
C ALA A 110 -16.42 -3.95 42.60
N ALA A 111 -16.12 -2.65 42.68
CA ALA A 111 -16.20 -1.78 41.50
C ALA A 111 -15.14 -2.26 40.50
N PHE A 112 -13.91 -2.39 40.97
CA PHE A 112 -12.85 -2.86 40.09
C PHE A 112 -13.17 -4.22 39.51
N ALA A 113 -13.76 -5.08 40.33
CA ALA A 113 -14.14 -6.41 39.87
C ALA A 113 -15.16 -6.26 38.75
N ALA A 114 -15.99 -5.23 38.85
CA ALA A 114 -17.03 -4.97 37.87
C ALA A 114 -16.46 -4.31 36.62
N GLY A 115 -15.14 -4.07 36.61
CA GLY A 115 -14.53 -3.45 35.45
C GLY A 115 -14.25 -1.95 35.55
N ALA A 116 -14.62 -1.33 36.67
CA ALA A 116 -14.37 0.08 36.86
C ALA A 116 -12.89 0.34 36.56
N ASN A 117 -12.58 1.45 35.90
CA ASN A 117 -11.20 1.73 35.58
C ASN A 117 -10.51 2.64 36.58
N ASP A 118 -11.30 3.30 37.41
CA ASP A 118 -10.77 4.14 38.46
C ASP A 118 -11.85 4.38 39.49
N TYR A 119 -11.43 4.77 40.68
CA TYR A 119 -12.33 4.99 41.80
C TYR A 119 -11.95 6.28 42.54
N LEU A 120 -12.88 7.21 42.69
CA LEU A 120 -12.57 8.45 43.38
C LEU A 120 -13.61 8.83 44.43
N VAL A 121 -13.12 9.15 45.64
CA VAL A 121 -13.99 9.58 46.74
C VAL A 121 -14.38 10.99 46.32
N LYS A 122 -15.64 11.10 45.90
CA LYS A 122 -16.20 12.33 45.37
C LYS A 122 -15.43 13.64 45.47
N LEU A 123 -15.00 14.03 44.27
CA LEU A 123 -14.25 15.23 43.94
C LEU A 123 -12.98 15.53 44.71
N PRO A 124 -11.84 15.19 44.10
CA PRO A 124 -10.52 15.42 44.69
C PRO A 124 -10.04 16.74 44.07
N ASP A 125 -8.81 17.15 44.42
CA ASP A 125 -8.23 18.38 43.89
C ASP A 125 -8.43 18.49 42.38
N ALA A 126 -8.68 19.71 41.91
CA ALA A 126 -8.89 19.96 40.48
C ALA A 126 -7.70 19.50 39.63
N ILE A 127 -6.50 19.70 40.15
CA ILE A 127 -5.30 19.28 39.44
C ILE A 127 -5.31 17.77 39.22
N GLU A 128 -5.77 17.03 40.22
CA GLU A 128 -5.82 15.59 40.13
C GLU A 128 -6.96 15.14 39.23
N LEU A 129 -8.12 15.79 39.38
CA LEU A 129 -9.28 15.42 38.59
C LEU A 129 -9.06 15.56 37.08
N VAL A 130 -8.31 16.58 36.66
CA VAL A 130 -8.07 16.74 35.22
C VAL A 130 -6.93 15.85 34.78
N ALA A 131 -6.05 15.48 35.71
CA ALA A 131 -4.95 14.60 35.35
C ALA A 131 -5.47 13.20 35.09
N ARG A 132 -6.47 12.77 35.86
CA ARG A 132 -7.03 11.43 35.68
C ARG A 132 -7.93 11.42 34.44
N ILE A 133 -8.60 12.54 34.21
CA ILE A 133 -9.47 12.65 33.05
C ILE A 133 -8.69 12.56 31.75
N ARG A 134 -7.52 13.21 31.70
CA ARG A 134 -6.70 13.18 30.50
C ARG A 134 -5.98 11.87 30.31
N TYR A 135 -5.45 11.30 31.39
CA TYR A 135 -4.74 10.05 31.28
C TYR A 135 -5.66 8.95 30.73
N HIS A 136 -6.87 8.86 31.25
CA HIS A 136 -7.80 7.84 30.77
C HIS A 136 -8.23 8.09 29.34
N SER A 137 -8.50 9.35 29.00
CA SER A 137 -8.92 9.68 27.64
C SER A 137 -7.86 9.27 26.63
N ARG A 138 -6.61 9.63 26.91
CA ARG A 138 -5.51 9.29 26.02
C ARG A 138 -5.39 7.78 25.89
N SER A 139 -5.55 7.07 26.99
CA SER A 139 -5.48 5.61 26.94
C SER A 139 -6.58 5.12 26.04
N TYR A 140 -7.79 5.62 26.26
CA TYR A 140 -8.93 5.21 25.44
C TYR A 140 -8.69 5.44 23.95
N ILE A 141 -8.21 6.63 23.61
CA ILE A 141 -7.93 6.98 22.22
C ILE A 141 -6.78 6.18 21.62
N ALA A 142 -5.76 5.91 22.43
CA ALA A 142 -4.60 5.16 21.97
C ALA A 142 -5.00 3.74 21.61
N LEU A 143 -5.95 3.18 22.33
CA LEU A 143 -6.40 1.82 22.04
C LEU A 143 -7.22 1.86 20.76
N GLN A 144 -8.00 2.92 20.61
CA GLN A 144 -8.81 3.09 19.42
C GLN A 144 -7.86 3.16 18.22
N GLN A 145 -6.94 4.11 18.27
CA GLN A 145 -5.98 4.32 17.18
C GLN A 145 -5.02 3.14 17.00
N ARG A 146 -4.79 2.37 18.04
CA ARG A 146 -3.90 1.24 17.91
C ARG A 146 -4.55 0.19 17.02
N ASP A 147 -5.78 -0.17 17.30
CA ASP A 147 -6.47 -1.17 16.49
C ASP A 147 -6.67 -0.67 15.06
N GLU A 148 -7.13 0.57 14.94
CA GLU A 148 -7.37 1.20 13.65
C GLU A 148 -6.13 1.09 12.80
N ALA A 149 -4.99 1.47 13.38
CA ALA A 149 -3.71 1.42 12.70
C ALA A 149 -3.36 -0.01 12.31
N TYR A 150 -3.45 -0.92 13.27
CA TYR A 150 -3.13 -2.31 13.01
C TYR A 150 -3.92 -2.85 11.81
N ARG A 151 -5.18 -2.45 11.71
CA ARG A 151 -6.03 -2.89 10.61
C ARG A 151 -5.60 -2.28 9.28
N ALA A 152 -5.46 -0.95 9.23
CA ALA A 152 -5.03 -0.27 8.01
C ALA A 152 -3.65 -0.78 7.56
N LEU A 153 -2.77 -1.03 8.52
CA LEU A 153 -1.45 -1.54 8.20
C LEU A 153 -1.53 -2.90 7.53
N ARG A 154 -2.29 -3.82 8.12
CA ARG A 154 -2.44 -5.15 7.53
C ARG A 154 -2.93 -5.03 6.09
N GLU A 155 -3.86 -4.11 5.84
CA GLU A 155 -4.38 -3.95 4.48
C GLU A 155 -3.30 -3.43 3.55
N SER A 156 -2.63 -2.36 3.96
CA SER A 156 -1.58 -1.76 3.17
C SER A 156 -0.51 -2.77 2.73
N GLN A 157 0.11 -3.47 3.67
CA GLN A 157 1.14 -4.47 3.36
C GLN A 157 0.62 -5.59 2.45
N GLN A 158 -0.63 -6.01 2.65
CA GLN A 158 -1.22 -7.07 1.84
C GLN A 158 -1.33 -6.56 0.42
N GLN A 159 -1.74 -5.30 0.30
CA GLN A 159 -1.89 -4.67 -0.99
C GLN A 159 -0.56 -4.56 -1.68
N LEU A 160 0.40 -3.93 -1.00
CA LEU A 160 1.73 -3.75 -1.55
C LEU A 160 2.38 -5.06 -1.98
N LEU A 161 2.23 -6.11 -1.19
CA LEU A 161 2.84 -7.40 -1.52
C LEU A 161 2.28 -7.97 -2.82
N GLU A 162 0.97 -7.86 -2.97
CA GLU A 162 0.27 -8.35 -4.16
C GLU A 162 0.64 -7.49 -5.38
N THR A 163 0.60 -6.17 -5.21
CA THR A 163 0.95 -5.28 -6.28
C THR A 163 2.35 -5.62 -6.80
N ASN A 164 3.31 -5.81 -5.92
CA ASN A 164 4.67 -6.15 -6.36
C ASN A 164 4.72 -7.52 -7.03
N LEU A 165 3.95 -8.47 -6.52
CA LEU A 165 3.90 -9.80 -7.17
C LEU A 165 3.51 -9.58 -8.62
N VAL A 166 2.38 -8.91 -8.82
CA VAL A 166 1.88 -8.65 -10.15
C VAL A 166 2.90 -7.92 -11.03
N LEU A 167 3.47 -6.83 -10.54
CA LEU A 167 4.42 -6.11 -11.38
C LEU A 167 5.62 -6.97 -11.75
N GLN A 168 6.09 -7.75 -10.77
CA GLN A 168 7.23 -8.62 -10.96
C GLN A 168 6.94 -9.54 -12.11
N ARG A 169 5.80 -10.21 -12.03
CA ARG A 169 5.32 -11.14 -13.05
C ARG A 169 5.29 -10.48 -14.43
N LEU A 170 4.64 -9.32 -14.51
CA LEU A 170 4.57 -8.60 -15.79
C LEU A 170 5.99 -8.23 -16.26
N MET A 171 6.88 -7.98 -15.31
CA MET A 171 8.20 -7.57 -15.68
C MET A 171 9.10 -8.68 -16.25
N ASN A 172 9.16 -9.80 -15.54
CA ASN A 172 10.05 -10.89 -15.93
C ASN A 172 9.46 -12.16 -16.54
N SER A 173 8.15 -12.31 -16.46
CA SER A 173 7.49 -13.49 -16.97
C SER A 173 6.79 -13.40 -18.31
N ASP A 174 6.68 -14.56 -18.94
CA ASP A 174 5.99 -14.71 -20.20
C ASP A 174 4.55 -14.79 -19.74
N GLY A 175 3.66 -14.03 -20.37
CA GLY A 175 2.27 -14.04 -19.95
C GLY A 175 1.53 -15.36 -20.04
N LEU A 176 1.51 -15.95 -21.21
CA LEU A 176 0.83 -17.20 -21.47
C LEU A 176 1.35 -18.34 -20.59
N THR A 177 2.61 -18.66 -20.82
CA THR A 177 3.28 -19.76 -20.14
C THR A 177 3.60 -19.56 -18.66
N GLY A 178 3.78 -18.32 -18.25
CA GLY A 178 4.12 -18.13 -16.86
C GLY A 178 5.61 -18.36 -16.63
N LEU A 179 6.34 -18.84 -17.66
CA LEU A 179 7.78 -19.04 -17.51
C LEU A 179 8.46 -17.68 -17.67
N SER A 180 9.76 -17.63 -17.42
CA SER A 180 10.49 -16.39 -17.55
C SER A 180 10.45 -15.90 -19.01
N ASN A 181 10.56 -14.59 -19.22
CA ASN A 181 10.57 -14.07 -20.58
C ASN A 181 11.97 -14.10 -21.16
N ARG A 182 12.09 -13.61 -22.38
CA ARG A 182 13.38 -13.64 -23.02
C ARG A 182 14.48 -12.83 -22.37
N ARG A 183 14.24 -11.56 -22.06
CA ARG A 183 15.32 -10.74 -21.47
C ARG A 183 15.68 -11.13 -20.05
N HIS A 184 14.71 -11.59 -19.27
CA HIS A 184 14.98 -12.01 -17.90
C HIS A 184 15.95 -13.20 -17.96
N PHE A 185 15.63 -14.15 -18.83
CA PHE A 185 16.42 -15.37 -19.02
C PHE A 185 17.82 -15.05 -19.54
N ASP A 186 17.90 -14.27 -20.61
CA ASP A 186 19.20 -13.96 -21.17
C ASP A 186 20.10 -13.23 -20.19
N GLU A 187 19.52 -12.37 -19.33
CA GLU A 187 20.30 -11.68 -18.32
C GLU A 187 20.79 -12.71 -17.29
N TYR A 188 19.98 -13.71 -17.00
CA TYR A 188 20.41 -14.71 -16.04
C TYR A 188 21.53 -15.54 -16.69
N LEU A 189 21.33 -15.92 -17.95
CA LEU A 189 22.31 -16.68 -18.69
C LEU A 189 23.63 -15.94 -18.67
N GLU A 190 23.59 -14.64 -18.94
CA GLU A 190 24.81 -13.87 -18.96
C GLU A 190 25.50 -13.84 -17.60
N MET A 191 24.75 -13.65 -16.52
CA MET A 191 25.39 -13.63 -15.21
C MET A 191 25.90 -15.03 -14.80
N GLU A 192 25.19 -16.08 -15.23
CA GLU A 192 25.61 -17.44 -14.91
C GLU A 192 26.87 -17.82 -15.69
N TRP A 193 27.01 -17.24 -16.88
CA TRP A 193 28.18 -17.49 -17.69
C TRP A 193 29.39 -16.86 -16.99
N ARG A 194 29.24 -15.60 -16.56
CA ARG A 194 30.33 -14.89 -15.87
C ARG A 194 30.78 -15.56 -14.59
N ARG A 195 29.85 -16.19 -13.87
CA ARG A 195 30.23 -16.85 -12.63
C ARG A 195 30.87 -18.22 -12.91
N SER A 196 30.48 -18.86 -13.99
CA SER A 196 31.06 -20.16 -14.34
C SER A 196 32.49 -19.94 -14.84
N LEU A 197 32.76 -18.72 -15.32
CA LEU A 197 34.08 -18.34 -15.80
C LEU A 197 35.04 -18.22 -14.61
N ARG A 198 34.56 -17.62 -13.51
CA ARG A 198 35.38 -17.48 -12.31
C ARG A 198 35.50 -18.78 -11.55
N GLU A 199 34.42 -19.55 -11.49
CA GLU A 199 34.43 -20.81 -10.77
C GLU A 199 34.89 -21.96 -11.67
N GLN A 200 35.13 -21.66 -12.95
CA GLN A 200 35.56 -22.68 -13.91
C GLN A 200 34.72 -23.94 -13.74
N SER A 201 33.42 -23.80 -14.00
CA SER A 201 32.50 -24.90 -13.89
C SER A 201 31.71 -25.03 -15.19
N GLN A 202 30.95 -26.10 -15.32
CA GLN A 202 30.18 -26.32 -16.52
C GLN A 202 28.83 -25.65 -16.51
N LEU A 203 28.49 -25.03 -17.63
CA LEU A 203 27.23 -24.34 -17.81
C LEU A 203 26.50 -24.99 -19.00
N SER A 204 25.33 -25.56 -18.76
CA SER A 204 24.58 -26.20 -19.83
C SER A 204 23.33 -25.41 -20.19
N LEU A 205 22.96 -25.48 -21.46
CA LEU A 205 21.83 -24.74 -21.98
C LEU A 205 21.01 -25.64 -22.88
N LEU A 206 19.69 -25.52 -22.79
CA LEU A 206 18.82 -26.31 -23.64
C LEU A 206 17.95 -25.35 -24.45
N MET A 207 17.86 -25.57 -25.77
CA MET A 207 17.04 -24.76 -26.64
C MET A 207 15.94 -25.73 -27.08
N ILE A 208 14.72 -25.45 -26.66
CA ILE A 208 13.59 -26.34 -26.93
C ILE A 208 12.50 -25.84 -27.86
N ASP A 209 12.37 -26.46 -29.04
CA ASP A 209 11.36 -26.08 -30.02
C ASP A 209 10.28 -27.13 -30.28
N VAL A 210 9.01 -26.75 -30.14
CA VAL A 210 7.89 -27.67 -30.39
C VAL A 210 7.84 -27.91 -31.92
N ASP A 211 7.86 -29.18 -32.32
CA ASP A 211 7.82 -29.58 -33.73
C ASP A 211 6.50 -29.32 -34.43
N TYR A 212 6.61 -28.98 -35.72
CA TYR A 212 5.43 -28.68 -36.54
C TYR A 212 4.37 -27.91 -35.77
N PHE A 213 4.77 -26.86 -35.06
CA PHE A 213 3.78 -26.09 -34.31
C PHE A 213 3.05 -25.11 -35.22
N LYS A 214 3.75 -24.59 -36.22
CA LYS A 214 3.14 -23.65 -37.15
C LYS A 214 1.98 -24.40 -37.80
N SER A 215 2.30 -25.55 -38.40
CA SER A 215 1.33 -26.41 -39.04
C SER A 215 0.13 -26.62 -38.08
N TYR A 216 0.44 -26.98 -36.83
CA TYR A 216 -0.55 -27.23 -35.77
C TYR A 216 -1.42 -26.05 -35.39
N ASN A 217 -0.80 -24.88 -35.29
CA ASN A 217 -1.50 -23.67 -34.90
C ASN A 217 -2.61 -23.25 -35.87
N ASP A 218 -2.30 -23.24 -37.17
CA ASP A 218 -3.29 -22.83 -38.18
C ASP A 218 -4.19 -23.97 -38.67
N THR A 219 -4.44 -24.93 -37.79
CA THR A 219 -5.30 -26.07 -38.11
C THR A 219 -6.16 -26.41 -36.91
N PHE A 220 -5.84 -25.81 -35.76
CA PHE A 220 -6.57 -26.04 -34.53
C PHE A 220 -6.91 -24.71 -33.87
N GLY A 221 -6.46 -23.62 -34.49
CA GLY A 221 -6.70 -22.28 -33.96
C GLY A 221 -5.58 -21.80 -33.06
N HIS A 222 -5.82 -20.72 -32.34
CA HIS A 222 -4.83 -20.16 -31.42
C HIS A 222 -5.04 -20.72 -30.04
N VAL A 223 -6.29 -20.73 -29.60
CA VAL A 223 -6.64 -21.24 -28.29
C VAL A 223 -6.15 -22.67 -28.12
N ALA A 224 -6.05 -23.40 -29.22
CA ALA A 224 -5.57 -24.78 -29.17
C ALA A 224 -4.04 -24.75 -29.16
N GLY A 225 -3.47 -23.83 -29.94
CA GLY A 225 -2.03 -23.70 -30.00
C GLY A 225 -1.48 -23.24 -28.66
N ASP A 226 -2.05 -22.15 -28.14
CA ASP A 226 -1.61 -21.61 -26.86
C ASP A 226 -1.83 -22.63 -25.75
N GLU A 227 -2.97 -23.32 -25.81
CA GLU A 227 -3.28 -24.34 -24.81
C GLU A 227 -2.20 -25.43 -24.79
N ALA A 228 -1.69 -25.76 -25.97
CA ALA A 228 -0.65 -26.78 -26.11
C ALA A 228 0.67 -26.24 -25.60
N LEU A 229 0.97 -24.98 -25.92
CA LEU A 229 2.21 -24.34 -25.47
C LEU A 229 2.22 -24.21 -23.96
N ARG A 230 1.04 -24.08 -23.37
CA ARG A 230 0.93 -23.97 -21.93
C ARG A 230 1.30 -25.33 -21.32
N GLN A 231 0.80 -26.40 -21.93
CA GLN A 231 1.08 -27.74 -21.46
C GLN A 231 2.55 -28.10 -21.63
N VAL A 232 3.12 -27.80 -22.79
CA VAL A 232 4.52 -28.11 -23.02
C VAL A 232 5.37 -27.36 -22.00
N ALA A 233 4.96 -26.15 -21.68
CA ALA A 233 5.69 -25.34 -20.71
C ALA A 233 5.63 -25.99 -19.33
N GLY A 234 4.53 -26.70 -19.06
CA GLY A 234 4.38 -27.39 -17.79
C GLY A 234 5.32 -28.58 -17.69
N ALA A 235 5.67 -29.15 -18.84
CA ALA A 235 6.57 -30.28 -18.86
C ALA A 235 8.00 -29.79 -18.86
N ILE A 236 8.19 -28.50 -19.12
CA ILE A 236 9.54 -27.97 -19.15
C ILE A 236 10.03 -27.52 -17.79
N ARG A 237 9.15 -26.96 -16.96
CA ARG A 237 9.57 -26.50 -15.63
C ARG A 237 9.76 -27.67 -14.68
N GLU A 238 9.03 -28.73 -14.99
CA GLU A 238 9.09 -30.00 -14.23
C GLU A 238 10.41 -30.76 -14.59
N GLY A 239 11.10 -30.26 -15.61
CA GLY A 239 12.34 -30.85 -16.02
C GLY A 239 13.53 -30.40 -15.19
N CYS A 240 13.44 -29.22 -14.60
CA CYS A 240 14.53 -28.73 -13.76
C CYS A 240 13.97 -28.31 -12.39
N SER A 241 14.72 -28.58 -11.33
CA SER A 241 14.23 -28.27 -10.00
C SER A 241 15.20 -27.49 -9.11
N ARG A 242 16.46 -27.38 -9.52
CA ARG A 242 17.40 -26.66 -8.69
C ARG A 242 17.06 -25.18 -8.66
N SER A 243 17.18 -24.58 -7.48
CA SER A 243 16.91 -23.17 -7.27
C SER A 243 17.60 -22.31 -8.35
N SER A 244 18.80 -22.71 -8.77
CA SER A 244 19.52 -21.92 -9.78
C SER A 244 19.15 -22.28 -11.20
N ASP A 245 18.30 -23.29 -11.38
CA ASP A 245 17.87 -23.66 -12.73
C ASP A 245 16.84 -22.66 -13.23
N LEU A 246 16.72 -22.51 -14.54
CA LEU A 246 15.76 -21.55 -15.08
C LEU A 246 15.25 -21.90 -16.48
N ALA A 247 13.94 -21.87 -16.64
CA ALA A 247 13.28 -22.17 -17.90
C ALA A 247 12.59 -20.92 -18.47
N ALA A 248 12.56 -20.80 -19.79
CA ALA A 248 11.95 -19.65 -20.42
C ALA A 248 11.20 -19.99 -21.69
N ARG A 249 10.35 -19.06 -22.11
CA ARG A 249 9.64 -19.21 -23.34
C ARG A 249 10.21 -18.03 -24.12
N TYR A 250 11.23 -18.31 -24.93
CA TYR A 250 11.89 -17.29 -25.74
C TYR A 250 10.92 -16.58 -26.66
N GLY A 251 9.82 -17.26 -26.99
CA GLY A 251 8.83 -16.68 -27.89
C GLY A 251 8.29 -17.69 -28.89
N GLY A 252 6.97 -17.65 -29.12
CA GLY A 252 6.36 -18.60 -30.03
C GLY A 252 6.36 -19.98 -29.42
N GLU A 253 6.90 -20.95 -30.13
CA GLU A 253 6.96 -22.32 -29.62
C GLU A 253 8.41 -22.65 -29.29
N GLU A 254 9.19 -21.62 -28.98
CA GLU A 254 10.60 -21.74 -28.63
C GLU A 254 10.84 -21.55 -27.14
N PHE A 255 11.51 -22.51 -26.52
CA PHE A 255 11.78 -22.41 -25.09
C PHE A 255 13.27 -22.56 -24.82
N ALA A 256 13.66 -22.22 -23.61
CA ALA A 256 15.06 -22.32 -23.24
C ALA A 256 15.17 -22.70 -21.77
N MET A 257 16.27 -23.39 -21.44
CA MET A 257 16.55 -23.84 -20.08
C MET A 257 18.05 -23.74 -19.80
N VAL A 258 18.42 -23.09 -18.72
CA VAL A 258 19.83 -23.00 -18.36
C VAL A 258 20.04 -23.82 -17.08
N LEU A 259 21.14 -24.55 -17.04
CA LEU A 259 21.45 -25.41 -15.90
C LEU A 259 22.83 -25.14 -15.39
N PRO A 260 22.97 -24.25 -14.40
CA PRO A 260 24.35 -24.02 -13.92
C PRO A 260 24.95 -25.31 -13.33
N GLY A 261 26.29 -25.37 -13.34
CA GLY A 261 27.01 -26.51 -12.81
C GLY A 261 26.49 -27.85 -13.27
N THR A 262 26.05 -27.95 -14.52
CA THR A 262 25.54 -29.22 -15.01
C THR A 262 26.39 -29.69 -16.16
N SER A 263 26.64 -30.99 -16.17
CA SER A 263 27.50 -31.61 -17.18
C SER A 263 26.75 -32.04 -18.40
N PRO A 264 27.48 -32.31 -19.50
CA PRO A 264 26.82 -32.73 -20.74
C PRO A 264 25.85 -33.87 -20.48
N GLY A 265 26.32 -34.89 -19.74
CA GLY A 265 25.50 -36.04 -19.43
C GLY A 265 24.24 -35.67 -18.70
N GLY A 266 24.38 -34.93 -17.61
CA GLY A 266 23.20 -34.52 -16.88
C GLY A 266 22.26 -33.67 -17.72
N ALA A 267 22.84 -32.76 -18.52
CA ALA A 267 22.05 -31.89 -19.38
C ALA A 267 21.23 -32.78 -20.34
N ARG A 268 21.92 -33.75 -20.91
CA ARG A 268 21.34 -34.72 -21.84
C ARG A 268 20.17 -35.46 -21.19
N LEU A 269 20.34 -35.82 -19.91
CA LEU A 269 19.32 -36.52 -19.17
C LEU A 269 18.07 -35.65 -19.10
N LEU A 270 18.24 -34.40 -18.64
CA LEU A 270 17.10 -33.51 -18.55
C LEU A 270 16.45 -33.25 -19.91
N ALA A 271 17.27 -33.08 -20.95
CA ALA A 271 16.71 -32.85 -22.27
C ALA A 271 15.78 -34.00 -22.61
N GLU A 272 16.34 -35.21 -22.54
CA GLU A 272 15.61 -36.44 -22.86
C GLU A 272 14.37 -36.61 -22.00
N LYS A 273 14.46 -36.22 -20.74
CA LYS A 273 13.35 -36.29 -19.81
C LYS A 273 12.27 -35.29 -20.21
N VAL A 274 12.69 -34.14 -20.72
CA VAL A 274 11.77 -33.11 -21.15
C VAL A 274 11.07 -33.61 -22.41
N ARG A 275 11.84 -34.19 -23.31
CA ARG A 275 11.29 -34.70 -24.56
C ARG A 275 10.25 -35.79 -24.30
N ARG A 276 10.62 -36.74 -23.44
CA ARG A 276 9.76 -37.87 -23.10
C ARG A 276 8.44 -37.46 -22.45
N THR A 277 8.51 -36.58 -21.45
CA THR A 277 7.31 -36.13 -20.77
C THR A 277 6.42 -35.31 -21.70
N VAL A 278 7.04 -34.54 -22.59
CA VAL A 278 6.25 -33.74 -23.50
C VAL A 278 5.43 -34.66 -24.41
N GLU A 279 6.05 -35.74 -24.88
CA GLU A 279 5.37 -36.70 -25.75
C GLU A 279 4.25 -37.47 -25.01
N SER A 280 4.48 -37.77 -23.74
CA SER A 280 3.49 -38.50 -22.97
C SER A 280 2.24 -37.65 -22.68
N LEU A 281 2.19 -36.46 -23.26
CA LEU A 281 1.04 -35.59 -23.09
C LEU A 281 0.01 -36.05 -24.13
N GLN A 282 0.52 -36.69 -25.17
CA GLN A 282 -0.30 -37.19 -26.28
C GLN A 282 -1.26 -36.11 -26.77
N ILE A 283 -0.69 -34.99 -27.21
CA ILE A 283 -1.50 -33.91 -27.76
C ILE A 283 -1.62 -34.24 -29.24
N SER A 284 -2.82 -34.63 -29.65
CA SER A 284 -3.11 -35.00 -31.04
C SER A 284 -2.68 -33.96 -32.07
N HIS A 285 -2.11 -34.44 -33.17
CA HIS A 285 -1.64 -33.61 -34.26
C HIS A 285 -1.47 -34.52 -35.49
N ASP A 286 -1.79 -33.99 -36.66
CA ASP A 286 -1.71 -34.79 -37.88
C ASP A 286 -0.55 -34.50 -38.82
N GLN A 287 0.37 -33.63 -38.43
CA GLN A 287 1.43 -33.31 -39.36
C GLN A 287 2.58 -34.31 -39.47
N PRO A 288 3.17 -34.73 -38.35
CA PRO A 288 4.25 -35.70 -38.52
C PRO A 288 3.75 -36.87 -39.36
N ARG A 289 2.43 -36.89 -39.58
CA ARG A 289 1.63 -37.87 -40.33
C ARG A 289 0.37 -38.14 -39.49
N PRO A 290 -0.78 -38.37 -40.15
CA PRO A 290 -2.11 -38.64 -39.60
C PRO A 290 -2.37 -38.97 -38.13
N GLY A 291 -1.75 -40.02 -37.59
CA GLY A 291 -2.05 -40.36 -36.20
C GLY A 291 -1.00 -40.08 -35.14
N SER A 292 -0.22 -39.01 -35.29
CA SER A 292 0.82 -38.72 -34.30
C SER A 292 0.43 -37.69 -33.25
N HIS A 293 1.41 -37.32 -32.43
CA HIS A 293 1.21 -36.38 -31.34
C HIS A 293 2.31 -35.32 -31.26
N LEU A 294 2.09 -34.27 -30.48
CA LEU A 294 3.08 -33.21 -30.34
C LEU A 294 4.37 -33.68 -29.73
N THR A 295 5.47 -33.19 -30.27
CA THR A 295 6.79 -33.54 -29.75
C THR A 295 7.69 -32.31 -29.81
N VAL A 296 8.91 -32.44 -29.32
CA VAL A 296 9.84 -31.33 -29.33
C VAL A 296 11.22 -31.79 -29.72
N SER A 297 11.96 -30.89 -30.36
CA SER A 297 13.34 -31.15 -30.74
C SER A 297 14.11 -30.35 -29.71
N ILE A 298 15.26 -30.85 -29.27
CA ILE A 298 16.02 -30.13 -28.26
C ILE A 298 17.51 -30.12 -28.53
N GLY A 299 18.07 -28.92 -28.55
CA GLY A 299 19.49 -28.77 -28.75
C GLY A 299 20.06 -28.52 -27.36
N VAL A 300 21.13 -29.24 -27.05
CA VAL A 300 21.81 -29.12 -25.77
C VAL A 300 23.25 -28.69 -25.95
N SER A 301 23.67 -27.69 -25.19
CA SER A 301 25.05 -27.24 -25.28
C SER A 301 25.60 -27.15 -23.87
N THR A 302 26.92 -27.16 -23.76
CA THR A 302 27.57 -27.08 -22.48
C THR A 302 29.02 -26.65 -22.63
N LEU A 303 29.48 -25.86 -21.67
CA LEU A 303 30.84 -25.36 -21.73
C LEU A 303 31.32 -24.91 -20.39
N VAL A 304 32.62 -24.66 -20.35
CA VAL A 304 33.29 -24.13 -19.18
C VAL A 304 33.80 -22.85 -19.81
N PRO A 305 33.33 -21.70 -19.34
CA PRO A 305 33.83 -20.48 -19.96
C PRO A 305 35.35 -20.36 -19.93
N GLY A 306 35.92 -19.98 -21.08
CA GLY A 306 37.37 -19.79 -21.18
C GLY A 306 37.57 -18.30 -21.28
N GLY A 307 38.77 -17.81 -21.03
CA GLY A 307 39.01 -16.38 -21.11
C GLY A 307 38.92 -15.78 -22.51
N GLY A 308 39.49 -14.59 -22.66
CA GLY A 308 39.49 -13.92 -23.95
C GLY A 308 38.13 -13.49 -24.42
N GLY A 309 37.84 -13.71 -25.70
CA GLY A 309 36.54 -13.34 -26.25
C GLY A 309 35.41 -13.95 -25.44
N GLN A 310 35.00 -15.15 -25.84
CA GLN A 310 33.95 -15.91 -25.19
C GLN A 310 32.83 -15.16 -24.44
N THR A 311 31.65 -15.06 -25.04
CA THR A 311 30.53 -14.45 -24.33
C THR A 311 29.54 -15.61 -24.24
N PHE A 312 28.49 -15.43 -23.46
CA PHE A 312 27.49 -16.46 -23.30
C PHE A 312 26.84 -16.76 -24.64
N ARG A 313 26.91 -15.80 -25.55
CA ARG A 313 26.31 -15.96 -26.87
C ARG A 313 26.90 -17.15 -27.64
N VAL A 314 28.11 -17.54 -27.30
CA VAL A 314 28.74 -18.67 -27.97
C VAL A 314 28.09 -19.99 -27.50
N LEU A 315 27.58 -20.00 -26.27
CA LEU A 315 26.92 -21.18 -25.71
C LEU A 315 25.58 -21.33 -26.40
N ILE A 316 24.95 -20.20 -26.69
CA ILE A 316 23.65 -20.18 -27.36
C ILE A 316 23.79 -20.63 -28.82
N GLU A 317 24.89 -20.25 -29.48
CA GLU A 317 25.08 -20.63 -30.88
C GLU A 317 25.21 -22.14 -30.95
N MET A 318 25.86 -22.71 -29.94
CA MET A 318 26.06 -24.15 -29.88
C MET A 318 24.75 -24.92 -29.71
N ALA A 319 23.88 -24.41 -28.83
CA ALA A 319 22.60 -25.04 -28.55
C ALA A 319 21.71 -24.99 -29.79
N ASP A 320 21.79 -23.89 -30.53
CA ASP A 320 21.01 -23.71 -31.75
C ASP A 320 21.47 -24.69 -32.82
N GLN A 321 22.79 -24.87 -32.91
CA GLN A 321 23.32 -25.81 -33.89
C GLN A 321 22.79 -27.19 -33.53
N ALA A 322 22.91 -27.54 -32.25
CA ALA A 322 22.45 -28.83 -31.78
C ALA A 322 20.96 -28.97 -32.13
N LEU A 323 20.20 -27.88 -31.95
CA LEU A 323 18.77 -27.87 -32.25
C LEU A 323 18.51 -28.12 -33.73
N TYR A 324 19.31 -27.47 -34.57
CA TYR A 324 19.21 -27.61 -36.02
C TYR A 324 19.47 -29.06 -36.40
N GLN A 325 20.60 -29.61 -35.93
CA GLN A 325 20.94 -31.00 -36.21
C GLN A 325 19.77 -31.89 -35.80
N ALA A 326 19.23 -31.65 -34.60
CA ALA A 326 18.11 -32.44 -34.08
C ALA A 326 16.92 -32.44 -35.03
N LYS A 327 16.55 -31.27 -35.52
CA LYS A 327 15.42 -31.18 -36.43
C LYS A 327 15.69 -31.88 -37.77
N ASN A 328 16.90 -31.72 -38.30
CA ASN A 328 17.26 -32.34 -39.58
C ASN A 328 17.60 -33.83 -39.52
N ASN A 329 17.44 -34.44 -38.34
CA ASN A 329 17.70 -35.87 -38.19
C ASN A 329 16.41 -36.58 -37.77
N GLY A 330 15.27 -35.91 -38.00
CA GLY A 330 13.99 -36.52 -37.67
C GLY A 330 13.07 -35.86 -36.64
N ARG A 331 13.61 -34.92 -35.86
CA ARG A 331 12.83 -34.25 -34.81
C ARG A 331 12.49 -35.19 -33.66
N ASN A 332 11.79 -34.67 -32.65
CA ASN A 332 11.40 -35.45 -31.48
C ASN A 332 12.60 -36.25 -30.96
N GLN A 333 13.72 -35.56 -30.78
CA GLN A 333 14.96 -36.17 -30.31
C GLN A 333 15.88 -35.09 -29.74
N VAL A 334 17.01 -35.51 -29.21
CA VAL A 334 17.96 -34.59 -28.59
C VAL A 334 19.32 -34.51 -29.25
N GLY A 335 19.79 -33.28 -29.47
CA GLY A 335 21.10 -33.07 -30.06
C GLY A 335 22.02 -32.48 -29.00
N LEU A 336 23.33 -32.77 -29.08
CA LEU A 336 24.29 -32.25 -28.10
C LEU A 336 25.44 -31.54 -28.80
N MET A 337 26.23 -30.80 -28.03
CA MET A 337 27.40 -30.09 -28.56
C MET A 337 28.28 -29.60 -27.41
N GLU A 338 29.59 -29.77 -27.57
CA GLU A 338 30.56 -29.36 -26.55
C GLU A 338 31.71 -28.51 -27.11
N GLN A 339 31.97 -28.64 -28.41
CA GLN A 339 33.06 -27.92 -29.11
C GLN A 339 34.35 -28.73 -29.08
N ALA B 13 6.58 -1.77 20.36
CA ALA B 13 7.45 -2.94 20.22
C ALA B 13 7.04 -4.06 21.17
N PRO B 14 6.71 -3.73 22.43
CA PRO B 14 6.31 -4.76 23.41
C PRO B 14 5.05 -5.49 22.98
N LEU B 15 5.08 -6.82 23.06
CA LEU B 15 3.93 -7.64 22.69
C LEU B 15 2.76 -7.52 23.66
N ASP B 16 1.57 -7.89 23.19
CA ASP B 16 0.35 -7.83 23.97
C ASP B 16 0.41 -8.71 25.22
N GLY B 17 0.05 -8.13 26.36
CA GLY B 17 0.05 -8.87 27.62
C GLY B 17 1.40 -9.02 28.30
N ALA B 18 2.45 -8.46 27.70
CA ALA B 18 3.79 -8.55 28.27
C ALA B 18 3.99 -7.52 29.37
N VAL B 19 3.47 -7.82 30.56
CA VAL B 19 3.57 -6.91 31.68
C VAL B 19 4.91 -7.04 32.40
N MET B 20 5.51 -5.89 32.70
CA MET B 20 6.79 -5.79 33.39
C MET B 20 6.58 -4.68 34.42
N VAL B 21 6.60 -5.03 35.69
CA VAL B 21 6.40 -4.03 36.74
C VAL B 21 7.69 -3.78 37.50
N LEU B 22 8.00 -2.50 37.72
CA LEU B 22 9.20 -2.09 38.43
C LEU B 22 8.81 -1.35 39.71
N LEU B 23 9.07 -1.97 40.85
CA LEU B 23 8.76 -1.37 42.14
C LEU B 23 9.98 -0.75 42.75
N VAL B 24 9.88 0.52 43.11
CA VAL B 24 11.00 1.22 43.71
C VAL B 24 10.59 1.66 45.11
N ASP B 25 10.98 0.88 46.11
CA ASP B 25 10.68 1.17 47.50
C ASP B 25 11.92 0.82 48.31
N ASP B 26 12.13 1.50 49.43
CA ASP B 26 13.31 1.24 50.25
C ASP B 26 13.09 0.12 51.26
N GLN B 27 11.83 -0.23 51.51
CA GLN B 27 11.49 -1.28 52.45
C GLN B 27 11.27 -2.62 51.76
N ALA B 28 12.23 -3.54 51.90
CA ALA B 28 12.14 -4.86 51.28
C ALA B 28 10.90 -5.66 51.68
N MET B 29 10.14 -5.16 52.66
CA MET B 29 8.92 -5.86 53.08
C MET B 29 7.82 -5.52 52.07
N ILE B 30 7.72 -4.23 51.72
CA ILE B 30 6.72 -3.78 50.77
C ILE B 30 7.00 -4.47 49.44
N GLY B 31 8.27 -4.67 49.14
CA GLY B 31 8.65 -5.34 47.91
C GLY B 31 8.17 -6.77 47.91
N GLU B 32 8.47 -7.49 48.98
CA GLU B 32 8.07 -8.88 49.09
C GLU B 32 6.56 -9.10 49.02
N ALA B 33 5.80 -8.22 49.68
CA ALA B 33 4.35 -8.35 49.67
C ALA B 33 3.80 -8.28 48.25
N VAL B 34 4.46 -7.50 47.39
CA VAL B 34 4.05 -7.36 46.00
C VAL B 34 4.70 -8.46 45.18
N ARG B 35 5.95 -8.79 45.51
CA ARG B 35 6.72 -9.82 44.83
C ARG B 35 6.08 -11.18 44.99
N ARG B 36 4.85 -11.18 45.48
CA ARG B 36 4.09 -12.41 45.67
C ARG B 36 2.78 -12.27 44.91
N SER B 37 2.06 -11.19 45.17
CA SER B 37 0.79 -10.94 44.49
C SER B 37 0.99 -11.12 42.98
N LEU B 38 2.23 -10.88 42.54
CA LEU B 38 2.59 -10.98 41.13
C LEU B 38 3.35 -12.25 40.75
N ALA B 39 3.16 -13.30 41.53
CA ALA B 39 3.80 -14.59 41.25
C ALA B 39 2.67 -15.54 40.85
N SER B 40 1.45 -15.18 41.28
CA SER B 40 0.24 -15.93 40.98
C SER B 40 -0.30 -15.49 39.62
N GLU B 41 0.53 -14.80 38.86
CA GLU B 41 0.16 -14.33 37.53
C GLU B 41 1.45 -14.26 36.72
N ALA B 42 1.69 -15.29 35.91
CA ALA B 42 2.90 -15.38 35.08
C ALA B 42 2.88 -14.46 33.88
N GLY B 43 1.69 -13.97 33.53
CA GLY B 43 1.58 -13.05 32.41
C GLY B 43 2.02 -11.66 32.83
N ILE B 44 2.87 -11.61 33.85
CA ILE B 44 3.40 -10.35 34.38
C ILE B 44 4.64 -10.56 35.23
N ASP B 45 5.78 -10.10 34.75
CA ASP B 45 7.03 -10.23 35.48
C ASP B 45 7.16 -9.15 36.54
N PHE B 46 8.16 -9.30 37.40
CA PHE B 46 8.38 -8.37 38.49
C PHE B 46 9.85 -8.06 38.73
N HIS B 47 10.13 -6.85 39.18
CA HIS B 47 11.49 -6.43 39.46
C HIS B 47 11.50 -5.41 40.59
N PHE B 48 12.23 -5.72 41.64
CA PHE B 48 12.30 -4.84 42.80
C PHE B 48 13.64 -4.12 42.91
N CYS B 49 13.58 -2.83 43.20
CA CYS B 49 14.75 -1.97 43.33
C CYS B 49 14.63 -1.16 44.62
N SER B 50 15.67 -1.20 45.46
CA SER B 50 15.65 -0.47 46.72
C SER B 50 16.49 0.80 46.76
N ASP B 51 17.31 1.01 45.74
CA ASP B 51 18.16 2.19 45.68
C ASP B 51 17.62 3.18 44.64
N PRO B 52 17.11 4.33 45.11
CA PRO B 52 16.56 5.40 44.25
C PRO B 52 17.55 5.83 43.18
N GLN B 53 18.82 5.85 43.56
CA GLN B 53 19.91 6.24 42.67
C GLN B 53 20.00 5.41 41.39
N GLN B 54 19.47 4.20 41.41
CA GLN B 54 19.55 3.36 40.24
C GLN B 54 18.20 3.15 39.59
N ALA B 55 17.15 3.59 40.27
CA ALA B 55 15.78 3.44 39.78
C ALA B 55 15.67 3.75 38.29
N VAL B 56 16.19 4.89 37.88
CA VAL B 56 16.11 5.27 36.46
C VAL B 56 16.95 4.36 35.57
N ALA B 57 18.15 4.01 36.03
CA ALA B 57 19.02 3.15 35.24
C ALA B 57 18.38 1.78 35.10
N VAL B 58 17.82 1.28 36.19
CA VAL B 58 17.19 -0.02 36.16
C VAL B 58 16.01 -0.03 35.21
N ALA B 59 15.21 1.03 35.25
CA ALA B 59 14.05 1.13 34.38
C ALA B 59 14.50 1.17 32.94
N ASN B 60 15.63 1.83 32.69
CA ASN B 60 16.17 1.94 31.34
C ASN B 60 16.61 0.60 30.77
N GLN B 61 17.09 -0.29 31.62
CA GLN B 61 17.54 -1.58 31.16
C GLN B 61 16.46 -2.66 31.08
N ILE B 62 15.57 -2.73 32.07
CA ILE B 62 14.53 -3.75 32.04
C ILE B 62 13.32 -3.35 31.20
N LYS B 63 13.17 -2.06 30.92
CA LYS B 63 12.07 -1.57 30.11
C LYS B 63 10.69 -2.00 30.64
N PRO B 64 10.23 -1.39 31.74
CA PRO B 64 8.94 -1.76 32.31
C PRO B 64 7.72 -1.17 31.63
N THR B 65 6.58 -1.81 31.85
CA THR B 65 5.32 -1.34 31.30
C THR B 65 4.60 -0.47 32.33
N VAL B 66 4.97 -0.67 33.61
CA VAL B 66 4.42 0.13 34.69
C VAL B 66 5.40 0.18 35.86
N ILE B 67 5.46 1.30 36.55
CA ILE B 67 6.34 1.36 37.71
C ILE B 67 5.59 1.88 38.94
N LEU B 68 5.86 1.22 40.06
CA LEU B 68 5.26 1.56 41.34
C LEU B 68 6.38 2.27 42.11
N GLN B 69 6.18 3.57 42.31
CA GLN B 69 7.18 4.40 43.00
C GLN B 69 6.74 4.85 44.42
N ASP B 70 7.65 4.64 45.36
CA ASP B 70 7.50 4.99 46.77
C ASP B 70 7.72 6.50 46.83
N LEU B 71 6.77 7.24 47.41
CA LEU B 71 6.91 8.69 47.51
C LEU B 71 7.89 9.20 48.56
N VAL B 72 8.21 8.38 49.56
CA VAL B 72 9.12 8.78 50.62
C VAL B 72 10.27 7.82 50.78
N MET B 73 11.46 8.26 50.40
CA MET B 73 12.65 7.41 50.50
C MET B 73 13.79 8.18 51.15
N PRO B 74 14.67 7.47 51.86
CA PRO B 74 15.81 8.08 52.53
C PRO B 74 16.80 8.69 51.54
N GLY B 75 17.21 9.92 51.84
CA GLY B 75 18.18 10.64 51.03
C GLY B 75 17.79 11.02 49.61
N VAL B 76 16.50 11.06 49.32
CA VAL B 76 16.03 11.40 47.98
C VAL B 76 14.64 12.00 48.04
N ASP B 77 14.47 13.19 47.47
CA ASP B 77 13.16 13.79 47.47
C ASP B 77 12.28 13.00 46.50
N GLY B 78 11.06 12.67 46.96
CA GLY B 78 10.15 11.90 46.15
C GLY B 78 9.62 12.54 44.88
N LEU B 79 9.03 13.72 45.02
CA LEU B 79 8.48 14.40 43.85
C LEU B 79 9.54 14.73 42.80
N THR B 80 10.80 14.79 43.22
CA THR B 80 11.89 15.11 42.28
C THR B 80 12.29 13.88 41.50
N LEU B 81 12.19 12.72 42.12
CA LEU B 81 12.56 11.49 41.46
C LEU B 81 11.58 11.26 40.30
N LEU B 82 10.31 11.58 40.51
CA LEU B 82 9.31 11.43 39.45
C LEU B 82 9.71 12.26 38.25
N ALA B 83 10.00 13.54 38.51
CA ALA B 83 10.42 14.45 37.45
C ALA B 83 11.62 13.88 36.72
N ALA B 84 12.44 13.11 37.44
CA ALA B 84 13.62 12.49 36.84
C ALA B 84 13.21 11.41 35.86
N TYR B 85 12.06 10.80 36.08
CA TYR B 85 11.58 9.77 35.17
C TYR B 85 11.11 10.40 33.87
N ARG B 86 10.50 11.59 33.99
CA ARG B 86 9.99 12.28 32.80
C ARG B 86 11.11 12.91 31.97
N GLY B 87 12.31 12.96 32.56
CA GLY B 87 13.45 13.54 31.86
C GLY B 87 14.24 12.52 31.08
N ASN B 88 14.07 11.23 31.41
CA ASN B 88 14.77 10.18 30.67
C ASN B 88 13.81 9.86 29.53
N PRO B 89 14.34 9.74 28.31
CA PRO B 89 13.51 9.43 27.14
C PRO B 89 12.79 8.09 27.15
N ALA B 90 13.48 7.04 27.59
CA ALA B 90 12.90 5.71 27.60
C ALA B 90 11.86 5.45 28.68
N THR B 91 11.86 6.30 29.71
CA THR B 91 10.89 6.14 30.81
C THR B 91 9.83 7.24 30.86
N ARG B 92 10.05 8.31 30.13
CA ARG B 92 9.10 9.41 30.14
C ARG B 92 7.65 8.99 29.94
N ASP B 93 7.40 8.01 29.09
CA ASP B 93 6.03 7.60 28.82
C ASP B 93 5.51 6.42 29.64
N ILE B 94 6.33 5.93 30.55
CA ILE B 94 5.95 4.81 31.40
C ILE B 94 5.03 5.26 32.53
N PRO B 95 3.86 4.63 32.65
CA PRO B 95 2.93 5.02 33.71
C PRO B 95 3.51 4.73 35.10
N ILE B 96 3.30 5.66 36.02
CA ILE B 96 3.79 5.57 37.39
C ILE B 96 2.66 5.61 38.41
N ILE B 97 2.66 4.61 39.28
CA ILE B 97 1.67 4.53 40.34
C ILE B 97 2.46 4.85 41.60
N VAL B 98 2.17 5.98 42.25
CA VAL B 98 2.90 6.33 43.47
C VAL B 98 2.34 5.57 44.67
N LEU B 99 3.22 5.07 45.52
CA LEU B 99 2.80 4.35 46.71
C LEU B 99 3.01 5.25 47.93
N SER B 100 1.90 5.53 48.62
CA SER B 100 1.94 6.39 49.79
C SER B 100 1.84 5.59 51.08
N THR B 101 2.61 6.02 52.07
CA THR B 101 2.61 5.36 53.38
C THR B 101 1.71 6.08 54.35
N LYS B 102 0.82 5.33 54.99
CA LYS B 102 -0.10 5.89 55.97
C LYS B 102 -0.94 7.05 55.43
N GLU B 103 -0.80 7.35 54.13
CA GLU B 103 -1.58 8.41 53.51
C GLU B 103 -1.08 9.83 53.83
N GLU B 104 -1.43 10.80 52.97
CA GLU B 104 -1.05 12.21 53.12
C GLU B 104 -1.75 13.28 52.24
N PRO B 105 -2.89 12.96 51.55
CA PRO B 105 -3.64 13.89 50.68
C PRO B 105 -3.30 15.38 50.59
N THR B 106 -2.04 15.65 50.24
CA THR B 106 -1.47 16.99 50.05
C THR B 106 -0.30 16.72 49.10
N VAL B 107 0.44 15.66 49.42
CA VAL B 107 1.55 15.20 48.59
C VAL B 107 0.83 14.85 47.28
N LYS B 108 -0.31 14.19 47.45
CA LYS B 108 -1.19 13.72 46.38
C LYS B 108 -1.39 14.68 45.21
N SER B 109 -1.84 15.90 45.48
CA SER B 109 -2.03 16.84 44.37
C SER B 109 -0.69 17.09 43.70
N ALA B 110 0.34 17.33 44.51
CA ALA B 110 1.68 17.58 43.99
C ALA B 110 2.20 16.43 43.13
N ALA B 111 1.93 15.20 43.55
CA ALA B 111 2.37 14.00 42.85
C ALA B 111 1.90 13.94 41.41
N PHE B 112 0.60 14.17 41.19
CA PHE B 112 0.05 14.13 39.83
C PHE B 112 0.62 15.23 38.96
N ALA B 113 0.83 16.40 39.55
CA ALA B 113 1.41 17.52 38.82
C ALA B 113 2.83 17.13 38.35
N ALA B 114 3.53 16.44 39.24
CA ALA B 114 4.91 15.98 39.00
C ALA B 114 5.03 14.90 37.93
N GLY B 115 3.91 14.28 37.56
CA GLY B 115 3.95 13.24 36.56
C GLY B 115 3.29 11.93 36.97
N ALA B 116 2.88 11.83 38.23
CA ALA B 116 2.23 10.61 38.67
C ALA B 116 0.96 10.37 37.83
N ASN B 117 0.58 9.10 37.67
CA ASN B 117 -0.60 8.74 36.88
C ASN B 117 -1.65 8.06 37.75
N ASP B 118 -1.23 7.56 38.90
CA ASP B 118 -2.15 6.92 39.81
C ASP B 118 -1.59 7.04 41.23
N TYR B 119 -2.49 6.95 42.22
CA TYR B 119 -2.14 7.08 43.64
C TYR B 119 -2.70 5.90 44.45
N LEU B 120 -1.82 5.14 45.11
CA LEU B 120 -2.25 4.00 45.94
C LEU B 120 -1.73 4.12 47.36
N VAL B 121 -2.57 3.81 48.34
CA VAL B 121 -2.14 3.85 49.73
C VAL B 121 -1.47 2.51 50.00
N LYS B 122 -0.16 2.56 50.14
CA LYS B 122 0.67 1.39 50.35
C LYS B 122 0.00 0.02 50.36
N LEU B 123 0.17 -0.66 49.23
CA LEU B 123 -0.31 -2.00 48.94
C LEU B 123 -1.76 -2.38 49.18
N PRO B 124 -2.65 -2.12 48.20
CA PRO B 124 -4.04 -2.50 48.42
C PRO B 124 -4.07 -4.02 48.18
N ASP B 125 -5.25 -4.62 48.13
CA ASP B 125 -5.30 -6.06 47.93
C ASP B 125 -5.11 -6.46 46.47
N ALA B 126 -4.36 -7.54 46.27
CA ALA B 126 -4.04 -8.07 44.94
C ALA B 126 -5.04 -7.83 43.82
N ILE B 127 -6.33 -7.75 44.16
CA ILE B 127 -7.35 -7.50 43.14
C ILE B 127 -7.27 -6.09 42.56
N GLU B 128 -7.31 -5.07 43.41
CA GLU B 128 -7.22 -3.71 42.90
C GLU B 128 -5.82 -3.46 42.37
N LEU B 129 -4.82 -4.12 42.97
CA LEU B 129 -3.44 -3.97 42.55
C LEU B 129 -3.26 -4.32 41.08
N VAL B 130 -3.49 -5.59 40.74
CA VAL B 130 -3.34 -6.07 39.37
C VAL B 130 -4.26 -5.37 38.36
N ALA B 131 -5.46 -4.97 38.78
CA ALA B 131 -6.36 -4.28 37.87
C ALA B 131 -5.62 -3.04 37.36
N ARG B 132 -5.08 -2.27 38.28
CA ARG B 132 -4.34 -1.06 37.94
C ARG B 132 -3.01 -1.40 37.24
N ILE B 133 -2.34 -2.46 37.70
CA ILE B 133 -1.08 -2.83 37.06
C ILE B 133 -1.31 -3.18 35.58
N ARG B 134 -2.37 -3.95 35.31
CA ARG B 134 -2.65 -4.33 33.94
C ARG B 134 -3.27 -3.22 33.14
N TYR B 135 -4.10 -2.38 33.78
CA TYR B 135 -4.75 -1.27 33.06
C TYR B 135 -3.72 -0.29 32.55
N HIS B 136 -2.73 -0.01 33.37
CA HIS B 136 -1.69 0.94 32.97
C HIS B 136 -0.71 0.35 31.99
N SER B 137 -0.33 -0.90 32.17
CA SER B 137 0.60 -1.55 31.25
C SER B 137 -0.02 -1.66 29.87
N ARG B 138 -1.26 -2.11 29.80
CA ARG B 138 -1.96 -2.23 28.52
C ARG B 138 -1.95 -0.85 27.85
N SER B 139 -2.22 0.19 28.63
CA SER B 139 -2.23 1.52 28.08
C SER B 139 -0.86 1.86 27.50
N TYR B 140 0.21 1.65 28.25
CA TYR B 140 1.57 1.94 27.76
C TYR B 140 1.86 1.14 26.49
N ILE B 141 1.58 -0.17 26.55
CA ILE B 141 1.79 -1.08 25.42
C ILE B 141 1.08 -0.54 24.16
N ALA B 142 -0.20 -0.20 24.29
CA ALA B 142 -0.98 0.33 23.18
C ALA B 142 -0.30 1.53 22.52
N LEU B 143 0.10 2.50 23.32
CA LEU B 143 0.77 3.69 22.82
C LEU B 143 2.03 3.34 22.04
N GLN B 144 2.80 2.38 22.56
CA GLN B 144 4.03 1.96 21.91
C GLN B 144 3.72 1.28 20.59
N GLN B 145 2.69 0.44 20.57
CA GLN B 145 2.29 -0.26 19.35
C GLN B 145 1.64 0.68 18.35
N ARG B 146 0.91 1.67 18.84
CA ARG B 146 0.26 2.60 17.91
C ARG B 146 1.32 3.32 17.09
N ASP B 147 2.38 3.75 17.75
CA ASP B 147 3.41 4.49 17.06
C ASP B 147 4.26 3.63 16.16
N GLU B 148 4.32 2.33 16.43
CA GLU B 148 5.10 1.45 15.57
C GLU B 148 4.25 1.15 14.33
N ALA B 149 2.94 1.05 14.52
CA ALA B 149 2.04 0.79 13.41
C ALA B 149 1.95 2.05 12.53
N TYR B 150 1.71 3.20 13.14
CA TYR B 150 1.64 4.45 12.39
C TYR B 150 2.88 4.63 11.51
N ARG B 151 4.04 4.32 12.08
CA ARG B 151 5.30 4.44 11.36
C ARG B 151 5.38 3.49 10.15
N ALA B 152 5.09 2.21 10.38
CA ALA B 152 5.14 1.24 9.31
C ALA B 152 4.05 1.51 8.28
N LEU B 153 2.96 2.12 8.72
CA LEU B 153 1.84 2.45 7.85
C LEU B 153 2.25 3.51 6.83
N ARG B 154 2.79 4.63 7.30
CA ARG B 154 3.21 5.69 6.39
C ARG B 154 4.29 5.19 5.42
N GLU B 155 5.14 4.29 5.91
CA GLU B 155 6.19 3.73 5.10
C GLU B 155 5.54 2.92 3.99
N SER B 156 4.58 2.07 4.35
CA SER B 156 3.89 1.26 3.37
C SER B 156 3.10 2.15 2.40
N GLN B 157 2.33 3.09 2.94
CA GLN B 157 1.55 4.00 2.10
C GLN B 157 2.44 4.74 1.10
N GLN B 158 3.63 5.15 1.53
CA GLN B 158 4.53 5.89 0.63
C GLN B 158 4.96 5.04 -0.56
N GLN B 159 5.33 3.80 -0.27
CA GLN B 159 5.75 2.83 -1.28
C GLN B 159 4.64 2.69 -2.33
N LEU B 160 3.40 2.58 -1.87
CA LEU B 160 2.25 2.46 -2.75
C LEU B 160 2.03 3.75 -3.55
N LEU B 161 2.11 4.90 -2.90
CA LEU B 161 1.92 6.15 -3.62
C LEU B 161 2.98 6.28 -4.71
N GLU B 162 4.24 6.02 -4.36
CA GLU B 162 5.33 6.10 -5.32
C GLU B 162 5.06 5.21 -6.54
N THR B 163 4.60 3.98 -6.32
CA THR B 163 4.29 3.06 -7.42
C THR B 163 3.15 3.59 -8.26
N ASN B 164 2.09 4.04 -7.61
CA ASN B 164 0.90 4.58 -8.28
C ASN B 164 1.25 5.77 -9.16
N LEU B 165 2.11 6.66 -8.67
CA LEU B 165 2.52 7.80 -9.49
C LEU B 165 3.24 7.30 -10.75
N VAL B 166 4.11 6.31 -10.61
CA VAL B 166 4.81 5.80 -11.78
C VAL B 166 3.83 5.19 -12.78
N LEU B 167 2.83 4.47 -12.30
CA LEU B 167 1.87 3.87 -13.21
C LEU B 167 1.02 4.94 -13.92
N GLN B 168 0.66 6.01 -13.22
CA GLN B 168 -0.13 7.07 -13.82
C GLN B 168 0.58 7.70 -15.03
N ARG B 169 1.86 8.03 -14.89
CA ARG B 169 2.61 8.62 -16.00
C ARG B 169 2.67 7.64 -17.17
N LEU B 170 2.95 6.39 -16.85
CA LEU B 170 3.05 5.36 -17.87
C LEU B 170 1.72 5.11 -18.57
N MET B 171 0.66 5.00 -17.77
CA MET B 171 -0.66 4.70 -18.30
C MET B 171 -1.53 5.80 -18.90
N ASN B 172 -1.52 7.02 -18.36
CA ASN B 172 -2.35 8.02 -19.01
C ASN B 172 -1.75 9.38 -19.35
N SER B 173 -0.42 9.49 -19.24
CA SER B 173 0.26 10.73 -19.54
C SER B 173 1.37 10.57 -20.60
N ASP B 174 1.59 11.62 -21.39
CA ASP B 174 2.64 11.63 -22.42
C ASP B 174 3.82 12.44 -21.88
N GLY B 175 4.93 11.74 -21.64
CA GLY B 175 6.13 12.37 -21.09
C GLY B 175 6.58 13.70 -21.69
N LEU B 176 6.74 13.71 -23.00
CA LEU B 176 7.19 14.91 -23.69
C LEU B 176 6.26 16.12 -23.51
N THR B 177 5.06 16.03 -24.08
CA THR B 177 4.10 17.15 -24.01
C THR B 177 3.43 17.36 -22.65
N GLY B 178 3.36 16.30 -21.86
CA GLY B 178 2.69 16.42 -20.58
C GLY B 178 1.18 16.30 -20.78
N LEU B 179 0.74 16.06 -22.01
CA LEU B 179 -0.69 15.92 -22.29
C LEU B 179 -1.09 14.49 -22.02
N SER B 180 -2.39 14.23 -22.14
CA SER B 180 -2.93 12.90 -21.95
C SER B 180 -2.46 12.05 -23.13
N ASN B 181 -2.11 10.79 -22.90
CA ASN B 181 -1.68 9.97 -24.03
C ASN B 181 -2.93 9.40 -24.74
N ARG B 182 -2.72 8.44 -25.63
CA ARG B 182 -3.81 7.87 -26.40
C ARG B 182 -4.81 6.95 -25.70
N ARG B 183 -4.38 6.05 -24.82
CA ARG B 183 -5.38 5.19 -24.23
C ARG B 183 -6.23 5.94 -23.22
N HIS B 184 -5.62 6.90 -22.53
CA HIS B 184 -6.36 7.71 -21.58
C HIS B 184 -7.44 8.50 -22.35
N PHE B 185 -7.03 9.15 -23.45
CA PHE B 185 -7.96 9.92 -24.27
C PHE B 185 -9.09 9.05 -24.82
N ASP B 186 -8.72 7.92 -25.42
CA ASP B 186 -9.72 7.03 -25.97
C ASP B 186 -10.71 6.57 -24.92
N GLU B 187 -10.21 6.29 -23.72
CA GLU B 187 -11.05 5.86 -22.63
C GLU B 187 -12.04 6.98 -22.29
N TYR B 188 -11.51 8.20 -22.13
CA TYR B 188 -12.32 9.37 -21.79
C TYR B 188 -13.35 9.67 -22.87
N LEU B 189 -12.94 9.55 -24.13
CA LEU B 189 -13.82 9.80 -25.25
C LEU B 189 -15.01 8.84 -25.24
N GLU B 190 -14.74 7.55 -24.98
CA GLU B 190 -15.77 6.52 -24.94
C GLU B 190 -16.81 6.90 -23.87
N MET B 191 -16.33 7.28 -22.69
CA MET B 191 -17.22 7.66 -21.59
C MET B 191 -18.06 8.86 -22.00
N GLU B 192 -17.42 9.85 -22.62
CA GLU B 192 -18.15 11.03 -23.05
C GLU B 192 -19.19 10.65 -24.09
N TRP B 193 -18.83 9.72 -24.96
CA TRP B 193 -19.76 9.26 -25.97
C TRP B 193 -21.03 8.67 -25.31
N ARG B 194 -20.84 7.75 -24.36
CA ARG B 194 -21.97 7.12 -23.67
C ARG B 194 -22.83 8.13 -22.92
N ARG B 195 -22.18 9.09 -22.27
CA ARG B 195 -22.88 10.13 -21.54
C ARG B 195 -23.68 10.96 -22.56
N SER B 196 -23.12 11.17 -23.74
CA SER B 196 -23.81 11.95 -24.76
C SER B 196 -25.02 11.20 -25.31
N LEU B 197 -24.97 9.88 -25.30
CA LEU B 197 -26.09 9.08 -25.75
C LEU B 197 -27.22 9.28 -24.75
N ARG B 198 -26.88 9.27 -23.46
CA ARG B 198 -27.89 9.45 -22.41
C ARG B 198 -28.50 10.85 -22.38
N GLU B 199 -27.65 11.87 -22.41
CA GLU B 199 -28.10 13.27 -22.37
C GLU B 199 -28.52 13.77 -23.75
N GLN B 200 -28.19 12.99 -24.78
CA GLN B 200 -28.50 13.40 -26.15
C GLN B 200 -27.86 14.74 -26.49
N SER B 201 -26.60 14.89 -26.07
CA SER B 201 -25.82 16.10 -26.29
C SER B 201 -24.84 15.90 -27.44
N GLN B 202 -24.37 17.00 -28.01
CA GLN B 202 -23.43 16.98 -29.11
C GLN B 202 -22.02 16.81 -28.60
N LEU B 203 -21.29 15.87 -29.21
CA LEU B 203 -19.91 15.58 -28.85
C LEU B 203 -19.01 15.86 -30.06
N SER B 204 -18.11 16.84 -29.92
CA SER B 204 -17.22 17.18 -31.02
C SER B 204 -15.81 16.61 -30.80
N LEU B 205 -15.12 16.33 -31.90
CA LEU B 205 -13.76 15.79 -31.83
C LEU B 205 -12.87 16.45 -32.88
N LEU B 206 -11.64 16.74 -32.49
CA LEU B 206 -10.66 17.32 -33.42
C LEU B 206 -9.47 16.40 -33.50
N MET B 207 -8.97 16.20 -34.71
CA MET B 207 -7.81 15.36 -34.92
C MET B 207 -6.82 16.35 -35.50
N ILE B 208 -5.70 16.51 -34.82
CA ILE B 208 -4.70 17.49 -35.19
C ILE B 208 -3.32 16.95 -35.55
N ASP B 209 -2.88 17.16 -36.78
CA ASP B 209 -1.56 16.67 -37.20
C ASP B 209 -0.60 17.80 -37.62
N VAL B 210 0.63 17.78 -37.10
CA VAL B 210 1.62 18.79 -37.47
C VAL B 210 2.07 18.49 -38.91
N ASP B 211 2.00 19.49 -39.80
CA ASP B 211 2.39 19.31 -41.19
C ASP B 211 3.90 19.25 -41.41
N TYR B 212 4.34 18.34 -42.28
CA TYR B 212 5.75 18.20 -42.60
C TYR B 212 6.63 18.04 -41.36
N PHE B 213 6.12 17.39 -40.32
CA PHE B 213 6.93 17.25 -39.12
C PHE B 213 8.15 16.35 -39.29
N LYS B 214 7.96 15.19 -39.91
CA LYS B 214 9.09 14.26 -40.10
C LYS B 214 10.22 15.01 -40.78
N SER B 215 9.86 15.63 -41.90
CA SER B 215 10.75 16.43 -42.72
C SER B 215 11.54 17.38 -41.81
N TYR B 216 10.83 17.98 -40.85
CA TYR B 216 11.42 18.92 -39.89
C TYR B 216 12.35 18.25 -38.88
N ASN B 217 12.04 17.00 -38.52
CA ASN B 217 12.83 16.26 -37.54
C ASN B 217 14.18 15.76 -38.08
N ASP B 218 14.22 15.39 -39.36
CA ASP B 218 15.45 14.90 -39.99
C ASP B 218 16.35 16.05 -40.42
N THR B 219 15.79 17.26 -40.45
CA THR B 219 16.55 18.44 -40.87
C THR B 219 17.10 19.25 -39.69
N PHE B 220 16.35 19.28 -38.59
CA PHE B 220 16.76 20.05 -37.40
C PHE B 220 17.10 19.17 -36.19
N GLY B 221 16.88 17.86 -36.33
CA GLY B 221 17.18 16.95 -35.24
C GLY B 221 16.10 16.82 -34.18
N HIS B 222 16.18 15.74 -33.40
CA HIS B 222 15.21 15.45 -32.34
C HIS B 222 15.07 16.59 -31.34
N VAL B 223 16.20 17.13 -30.88
CA VAL B 223 16.17 18.23 -29.92
C VAL B 223 15.22 19.33 -30.34
N ALA B 224 15.32 19.74 -31.61
CA ALA B 224 14.48 20.80 -32.13
C ALA B 224 13.06 20.30 -32.43
N GLY B 225 12.94 19.06 -32.87
CA GLY B 225 11.63 18.48 -33.17
C GLY B 225 10.80 18.36 -31.91
N ASP B 226 11.45 17.92 -30.84
CA ASP B 226 10.78 17.76 -29.55
C ASP B 226 10.31 19.10 -29.04
N GLU B 227 11.13 20.13 -29.21
CA GLU B 227 10.74 21.45 -28.74
C GLU B 227 9.60 22.03 -29.60
N ALA B 228 9.54 21.62 -30.86
CA ALA B 228 8.48 22.08 -31.75
C ALA B 228 7.18 21.46 -31.25
N LEU B 229 7.25 20.17 -30.95
CA LEU B 229 6.12 19.40 -30.46
C LEU B 229 5.63 19.98 -29.13
N ARG B 230 6.56 20.31 -28.25
CA ARG B 230 6.19 20.88 -26.96
C ARG B 230 5.42 22.18 -27.15
N GLN B 231 5.77 22.94 -28.19
CA GLN B 231 5.12 24.22 -28.49
C GLN B 231 3.72 24.04 -29.09
N VAL B 232 3.59 23.13 -30.06
CA VAL B 232 2.30 22.87 -30.65
C VAL B 232 1.38 22.41 -29.51
N ALA B 233 1.87 21.44 -28.75
CA ALA B 233 1.12 20.91 -27.62
C ALA B 233 0.55 22.04 -26.75
N GLY B 234 1.36 23.06 -26.46
CA GLY B 234 0.87 24.16 -25.66
C GLY B 234 -0.25 24.96 -26.32
N ALA B 235 -0.11 25.20 -27.62
CA ALA B 235 -1.12 25.96 -28.37
C ALA B 235 -2.42 25.15 -28.43
N ILE B 236 -2.30 23.82 -28.40
CA ILE B 236 -3.46 22.94 -28.44
C ILE B 236 -4.19 22.91 -27.09
N ARG B 237 -3.43 22.83 -26.00
CA ARG B 237 -4.01 22.77 -24.67
C ARG B 237 -4.75 24.09 -24.29
N GLU B 238 -4.38 25.18 -24.95
CA GLU B 238 -5.01 26.50 -24.74
C GLU B 238 -6.24 26.70 -25.63
N GLY B 239 -6.37 25.89 -26.67
CA GLY B 239 -7.53 26.02 -27.54
C GLY B 239 -8.83 25.55 -26.90
N CYS B 240 -8.73 24.84 -25.78
CA CYS B 240 -9.92 24.37 -25.09
C CYS B 240 -9.72 24.60 -23.61
N SER B 241 -10.65 25.30 -22.98
CA SER B 241 -10.50 25.60 -21.57
C SER B 241 -11.61 25.13 -20.63
N ARG B 242 -12.57 24.35 -21.12
CA ARG B 242 -13.61 23.87 -20.21
C ARG B 242 -13.08 22.69 -19.38
N SER B 243 -13.51 22.62 -18.13
CA SER B 243 -13.07 21.56 -17.22
C SER B 243 -13.24 20.17 -17.85
N SER B 244 -14.28 19.98 -18.66
CA SER B 244 -14.49 18.68 -19.26
C SER B 244 -13.81 18.53 -20.65
N ASP B 245 -13.10 19.55 -21.09
CA ASP B 245 -12.43 19.40 -22.36
C ASP B 245 -11.18 18.54 -22.09
N LEU B 246 -10.62 17.92 -23.12
CA LEU B 246 -9.42 17.11 -22.96
C LEU B 246 -8.58 17.09 -24.22
N ALA B 247 -7.31 17.44 -24.06
CA ALA B 247 -6.36 17.45 -25.17
C ALA B 247 -5.40 16.29 -24.96
N ALA B 248 -5.02 15.65 -26.07
CA ALA B 248 -4.14 14.51 -25.99
C ALA B 248 -3.14 14.41 -27.13
N ARG B 249 -1.94 13.92 -26.83
CA ARG B 249 -0.99 13.66 -27.91
C ARG B 249 -1.42 12.25 -28.35
N TYR B 250 -1.91 12.13 -29.58
CA TYR B 250 -2.43 10.87 -30.07
C TYR B 250 -1.40 9.97 -30.71
N GLY B 251 -0.30 10.57 -31.16
CA GLY B 251 0.74 9.80 -31.82
C GLY B 251 2.04 10.59 -31.97
N GLY B 252 2.85 10.21 -32.96
CA GLY B 252 4.12 10.89 -33.17
C GLY B 252 3.99 12.38 -33.31
N GLU B 253 3.31 12.82 -34.36
CA GLU B 253 3.08 14.24 -34.62
C GLU B 253 1.57 14.48 -34.67
N GLU B 254 0.82 13.52 -34.13
CA GLU B 254 -0.62 13.57 -34.11
C GLU B 254 -1.17 13.85 -32.71
N PHE B 255 -2.13 14.77 -32.61
CA PHE B 255 -2.76 15.12 -31.34
C PHE B 255 -4.28 14.95 -31.49
N ALA B 256 -5.01 15.06 -30.39
CA ALA B 256 -6.47 14.95 -30.43
C ALA B 256 -7.06 15.88 -29.40
N MET B 257 -8.32 16.27 -29.60
CA MET B 257 -9.01 17.14 -28.66
C MET B 257 -10.48 16.74 -28.65
N VAL B 258 -11.04 16.49 -27.48
CA VAL B 258 -12.45 16.14 -27.43
C VAL B 258 -13.21 17.22 -26.68
N LEU B 259 -14.27 17.73 -27.31
CA LEU B 259 -15.04 18.81 -26.72
C LEU B 259 -16.48 18.36 -26.44
N PRO B 260 -16.81 18.11 -25.16
CA PRO B 260 -18.20 17.70 -24.87
C PRO B 260 -19.16 18.89 -25.00
N GLY B 261 -20.45 18.60 -25.26
CA GLY B 261 -21.47 19.62 -25.38
C GLY B 261 -21.12 20.79 -26.29
N THR B 262 -20.43 20.47 -27.38
CA THR B 262 -19.98 21.46 -28.34
C THR B 262 -20.56 21.15 -29.71
N SER B 263 -21.14 22.20 -30.31
CA SER B 263 -21.76 22.14 -31.63
C SER B 263 -20.71 22.18 -32.76
N PRO B 264 -21.12 21.87 -34.00
CA PRO B 264 -20.16 21.89 -35.13
C PRO B 264 -19.57 23.31 -35.28
N GLY B 265 -20.37 24.33 -34.97
CA GLY B 265 -19.94 25.71 -35.08
C GLY B 265 -18.85 26.03 -34.07
N GLY B 266 -19.00 25.48 -32.86
CA GLY B 266 -18.03 25.70 -31.81
C GLY B 266 -16.76 24.93 -32.06
N ALA B 267 -16.92 23.66 -32.45
CA ALA B 267 -15.79 22.78 -32.74
C ALA B 267 -14.88 23.37 -33.83
N ARG B 268 -15.47 23.88 -34.91
CA ARG B 268 -14.66 24.44 -35.97
C ARG B 268 -14.11 25.78 -35.53
N LEU B 269 -14.83 26.44 -34.62
CA LEU B 269 -14.32 27.70 -34.14
C LEU B 269 -13.03 27.41 -33.37
N LEU B 270 -13.06 26.43 -32.46
CA LEU B 270 -11.88 26.07 -31.70
C LEU B 270 -10.81 25.44 -32.61
N ALA B 271 -11.21 24.73 -33.66
CA ALA B 271 -10.26 24.13 -34.59
C ALA B 271 -9.37 25.23 -35.16
N GLU B 272 -10.02 26.32 -35.58
CA GLU B 272 -9.35 27.48 -36.16
C GLU B 272 -8.43 28.21 -35.18
N LYS B 273 -8.78 28.24 -33.89
CA LYS B 273 -7.93 28.91 -32.91
C LYS B 273 -6.60 28.17 -32.87
N VAL B 274 -6.70 26.84 -32.98
CA VAL B 274 -5.51 26.02 -32.94
C VAL B 274 -4.66 26.29 -34.18
N ARG B 275 -5.24 26.08 -35.35
CA ARG B 275 -4.49 26.33 -36.58
C ARG B 275 -3.82 27.70 -36.53
N ARG B 276 -4.57 28.73 -36.14
CA ARG B 276 -4.06 30.10 -36.07
C ARG B 276 -2.93 30.33 -35.07
N THR B 277 -3.11 29.87 -33.83
CA THR B 277 -2.10 30.06 -32.80
C THR B 277 -0.88 29.19 -32.96
N VAL B 278 -1.00 28.12 -33.75
CA VAL B 278 0.15 27.25 -34.01
C VAL B 278 1.01 27.92 -35.08
N GLU B 279 0.36 28.37 -36.15
CA GLU B 279 1.08 29.03 -37.23
C GLU B 279 1.76 30.32 -36.76
N SER B 280 1.20 30.94 -35.73
CA SER B 280 1.78 32.17 -35.20
C SER B 280 2.92 31.90 -34.23
N LEU B 281 3.26 30.63 -34.04
CA LEU B 281 4.38 30.28 -33.17
C LEU B 281 5.58 30.57 -34.07
N GLN B 282 5.33 30.51 -35.37
CA GLN B 282 6.34 30.78 -36.37
C GLN B 282 7.63 30.02 -36.09
N ILE B 283 7.57 28.70 -36.24
CA ILE B 283 8.74 27.87 -36.02
C ILE B 283 9.31 27.61 -37.39
N SER B 284 10.26 28.44 -37.81
CA SER B 284 10.90 28.34 -39.12
C SER B 284 11.14 26.88 -39.57
N HIS B 285 10.79 26.59 -40.82
CA HIS B 285 10.95 25.28 -41.42
C HIS B 285 11.17 25.44 -42.93
N ASP B 286 12.02 24.60 -43.51
CA ASP B 286 12.29 24.70 -44.93
C ASP B 286 11.31 23.88 -45.74
N GLN B 287 10.07 23.79 -45.25
CA GLN B 287 9.05 23.02 -45.95
C GLN B 287 7.68 23.68 -45.71
N PRO B 288 6.79 23.65 -46.71
CA PRO B 288 7.00 23.06 -48.05
C PRO B 288 7.90 23.86 -49.00
N ARG B 289 8.54 24.90 -48.47
CA ARG B 289 9.45 25.74 -49.27
C ARG B 289 10.24 26.63 -48.32
N PRO B 290 11.39 27.14 -48.76
CA PRO B 290 12.18 28.01 -47.87
C PRO B 290 11.34 29.13 -47.25
N GLY B 291 11.64 29.47 -46.01
CA GLY B 291 10.92 30.54 -45.33
C GLY B 291 9.53 30.24 -44.81
N SER B 292 9.26 28.98 -44.50
CA SER B 292 7.96 28.55 -44.00
C SER B 292 7.84 28.57 -42.47
N HIS B 293 6.82 27.89 -41.97
CA HIS B 293 6.56 27.79 -40.53
C HIS B 293 5.76 26.50 -40.31
N LEU B 294 5.82 25.96 -39.09
CA LEU B 294 5.10 24.74 -38.79
C LEU B 294 3.60 25.00 -38.68
N THR B 295 2.85 24.35 -39.56
CA THR B 295 1.41 24.50 -39.56
C THR B 295 0.74 23.22 -39.10
N VAL B 296 -0.58 23.26 -38.99
CA VAL B 296 -1.36 22.12 -38.53
C VAL B 296 -2.61 21.87 -39.39
N SER B 297 -2.81 20.62 -39.78
CA SER B 297 -4.01 20.24 -40.52
C SER B 297 -4.93 19.67 -39.42
N ILE B 298 -6.20 20.04 -39.46
CA ILE B 298 -7.14 19.58 -38.45
C ILE B 298 -8.39 18.98 -39.08
N GLY B 299 -8.91 17.93 -38.45
CA GLY B 299 -10.13 17.29 -38.91
C GLY B 299 -11.15 17.39 -37.79
N VAL B 300 -12.35 17.83 -38.12
CA VAL B 300 -13.42 18.00 -37.14
C VAL B 300 -14.65 17.14 -37.41
N SER B 301 -15.15 16.51 -36.37
CA SER B 301 -16.36 15.71 -36.53
C SER B 301 -17.18 15.97 -35.27
N THR B 302 -18.49 15.90 -35.41
CA THR B 302 -19.38 16.09 -34.25
C THR B 302 -20.64 15.24 -34.43
N LEU B 303 -21.07 14.60 -33.34
CA LEU B 303 -22.27 13.76 -33.39
C LEU B 303 -23.04 13.72 -32.10
N VAL B 304 -24.30 13.30 -32.21
CA VAL B 304 -25.16 13.11 -31.08
C VAL B 304 -25.37 11.60 -31.16
N PRO B 305 -24.76 10.83 -30.25
CA PRO B 305 -24.95 9.37 -30.31
C PRO B 305 -26.44 9.06 -30.54
N GLY B 306 -26.73 8.17 -31.51
CA GLY B 306 -28.11 7.88 -31.83
C GLY B 306 -28.69 6.50 -31.65
N GLY B 307 -28.08 5.66 -30.80
CA GLY B 307 -28.61 4.33 -30.58
C GLY B 307 -28.19 3.30 -31.62
N GLY B 308 -28.42 2.03 -31.28
CA GLY B 308 -28.05 0.95 -32.18
C GLY B 308 -26.56 0.73 -32.28
N GLY B 309 -26.12 0.17 -33.40
CA GLY B 309 -24.71 -0.10 -33.64
C GLY B 309 -24.02 1.15 -34.15
N GLN B 310 -23.32 1.83 -33.23
CA GLN B 310 -22.59 3.05 -33.53
C GLN B 310 -21.91 3.42 -32.22
N THR B 311 -20.58 3.33 -32.20
CA THR B 311 -19.80 3.64 -31.01
C THR B 311 -18.99 4.91 -31.21
N PHE B 312 -18.21 5.27 -30.20
CA PHE B 312 -17.36 6.45 -30.28
C PHE B 312 -16.36 6.32 -31.43
N ARG B 313 -16.12 5.09 -31.88
CA ARG B 313 -15.18 4.85 -32.96
C ARG B 313 -15.56 5.58 -34.23
N VAL B 314 -16.87 5.62 -34.52
CA VAL B 314 -17.34 6.29 -35.72
C VAL B 314 -16.96 7.79 -35.70
N LEU B 315 -16.99 8.40 -34.51
CA LEU B 315 -16.65 9.82 -34.37
C LEU B 315 -15.18 10.02 -34.73
N ILE B 316 -14.33 9.06 -34.31
CA ILE B 316 -12.91 9.11 -34.63
C ILE B 316 -12.75 8.91 -36.13
N GLU B 317 -13.50 7.99 -36.71
CA GLU B 317 -13.42 7.76 -38.15
C GLU B 317 -13.62 9.08 -38.89
N MET B 318 -14.78 9.68 -38.65
CA MET B 318 -15.15 10.94 -39.28
C MET B 318 -14.10 12.05 -39.17
N ALA B 319 -13.49 12.22 -38.01
CA ALA B 319 -12.50 13.26 -37.88
C ALA B 319 -11.27 12.87 -38.71
N ASP B 320 -10.87 11.61 -38.70
CA ASP B 320 -9.72 11.13 -39.48
C ASP B 320 -9.89 11.44 -40.96
N GLN B 321 -11.10 11.23 -41.45
CA GLN B 321 -11.44 11.46 -42.84
C GLN B 321 -11.28 12.95 -43.18
N ALA B 322 -11.86 13.81 -42.33
CA ALA B 322 -11.78 15.25 -42.51
C ALA B 322 -10.32 15.69 -42.48
N LEU B 323 -9.52 15.02 -41.65
CA LEU B 323 -8.10 15.33 -41.52
C LEU B 323 -7.35 14.87 -42.77
N TYR B 324 -7.77 13.75 -43.32
CA TYR B 324 -7.15 13.23 -44.52
C TYR B 324 -7.38 14.26 -45.60
N GLN B 325 -8.65 14.57 -45.83
CA GLN B 325 -9.03 15.56 -46.83
C GLN B 325 -8.39 16.92 -46.63
N ALA B 326 -8.10 17.30 -45.39
CA ALA B 326 -7.48 18.58 -45.12
C ALA B 326 -6.00 18.54 -45.52
N LYS B 327 -5.37 17.40 -45.25
CA LYS B 327 -3.96 17.21 -45.58
C LYS B 327 -3.81 17.19 -47.08
N ASN B 328 -4.82 16.68 -47.77
CA ASN B 328 -4.81 16.56 -49.21
C ASN B 328 -5.36 17.75 -49.98
N ASN B 329 -5.83 18.75 -49.25
CA ASN B 329 -6.36 19.93 -49.90
C ASN B 329 -5.44 21.10 -49.63
N GLY B 330 -4.18 20.79 -49.34
CA GLY B 330 -3.20 21.85 -49.10
C GLY B 330 -2.59 21.99 -47.72
N ARG B 331 -3.20 21.38 -46.70
CA ARG B 331 -2.69 21.45 -45.34
C ARG B 331 -2.87 22.82 -44.70
N ASN B 332 -2.38 22.95 -43.47
CA ASN B 332 -2.53 24.20 -42.71
C ASN B 332 -3.95 24.73 -42.94
N GLN B 333 -4.92 23.89 -42.59
CA GLN B 333 -6.33 24.21 -42.74
C GLN B 333 -7.23 23.25 -41.92
N VAL B 334 -8.52 23.58 -41.86
CA VAL B 334 -9.47 22.78 -41.14
C VAL B 334 -10.31 22.04 -42.18
N GLY B 335 -10.61 20.78 -41.92
CA GLY B 335 -11.44 19.99 -42.83
C GLY B 335 -12.67 19.62 -42.03
N LEU B 336 -13.86 19.71 -42.62
CA LEU B 336 -15.06 19.38 -41.87
C LEU B 336 -15.73 18.12 -42.41
N MET B 337 -16.10 17.22 -41.49
CA MET B 337 -16.75 15.96 -41.87
C MET B 337 -18.07 16.21 -42.63
N GLU B 338 -18.14 15.75 -43.88
CA GLU B 338 -19.34 15.93 -44.69
C GLU B 338 -20.53 15.11 -44.16
N GLN B 339 -21.71 15.76 -44.13
CA GLN B 339 -22.95 15.14 -43.67
C GLN B 339 -23.81 14.73 -44.87
N PRO B 340 -24.10 13.43 -44.99
CA PRO B 340 -24.88 12.91 -46.12
C PRO B 340 -26.29 13.50 -46.22
#